data_6LFD
#
_entry.id   6LFD
#
_cell.length_a   73.110
_cell.length_b   97.110
_cell.length_c   132.660
_cell.angle_alpha   90.000
_cell.angle_beta   90.000
_cell.angle_gamma   90.000
#
_symmetry.space_group_name_H-M   'P 21 21 21'
#
loop_
_entity.id
_entity.type
_entity.pdbx_description
1 polymer VMB-1
2 non-polymer 'ZINC ION'
3 non-polymer GLYCEROL
4 water water
#
_entity_poly.entity_id   1
_entity_poly.type   'polypeptide(L)'
_entity_poly.pdbx_seq_one_letter_code
;GSHMNNEGTKELKLKKLSDNVYQHISYKRVEPWGLIGASGLVVINGTEAHMIDTPWTTQGTKQLIEWIEAKGLTIKSAVV
THFHEDASGDIPLLNDLKIKTYATSLTNKLLKLNQKEVSSDEISSNTFEFIDGVASVFYPGAGHTEDNIVVWLPNEKILF
GGCFVKSLKNKNLGYTGDANISEWPNSMQKVINRYPDAKLVVPGHGEVGDVSLLKHTQALALSAAASNKKINKD
;
_entity_poly.pdbx_strand_id   A,B,C,D
#
# COMPACT_ATOMS: atom_id res chain seq x y z
N GLY A 8 42.54 9.10 -3.92
CA GLY A 8 41.53 9.46 -2.87
C GLY A 8 42.20 9.86 -1.57
N THR A 9 41.44 9.87 -0.49
CA THR A 9 42.00 10.20 0.83
C THR A 9 42.01 8.93 1.68
N LYS A 10 42.36 9.07 2.94
CA LYS A 10 42.43 7.92 3.88
C LYS A 10 41.02 7.44 4.21
N GLU A 11 40.02 8.33 4.12
CA GLU A 11 38.61 8.07 4.43
C GLU A 11 37.76 7.77 3.18
N LEU A 12 38.11 8.27 1.99
CA LEU A 12 37.15 8.21 0.85
C LEU A 12 37.86 8.12 -0.51
N LYS A 13 37.41 7.17 -1.32
CA LYS A 13 37.85 6.97 -2.73
C LYS A 13 36.61 6.87 -3.60
N LEU A 14 36.65 7.45 -4.80
CA LEU A 14 35.55 7.41 -5.79
C LEU A 14 36.05 6.63 -7.01
N LYS A 15 35.30 5.63 -7.46
CA LYS A 15 35.59 4.81 -8.66
C LYS A 15 34.42 4.97 -9.63
N LYS A 16 34.69 5.43 -10.85
CA LYS A 16 33.65 5.55 -11.90
C LYS A 16 33.25 4.14 -12.34
N LEU A 17 31.95 3.83 -12.35
CA LEU A 17 31.39 2.54 -12.81
C LEU A 17 30.76 2.73 -14.20
N SER A 18 30.14 3.88 -14.45
CA SER A 18 29.65 4.26 -15.80
C SER A 18 29.62 5.78 -15.91
N ASP A 19 29.07 6.32 -16.99
CA ASP A 19 29.07 7.78 -17.25
C ASP A 19 28.39 8.49 -16.06
N ASN A 20 27.32 7.91 -15.51
CA ASN A 20 26.45 8.55 -14.50
C ASN A 20 26.56 7.87 -13.12
N VAL A 21 27.43 6.87 -12.93
CA VAL A 21 27.43 6.04 -11.69
C VAL A 21 28.84 5.95 -11.10
N TYR A 22 28.98 6.37 -9.84
CA TYR A 22 30.24 6.27 -9.06
C TYR A 22 30.06 5.35 -7.87
N GLN A 23 31.08 4.55 -7.61
CA GLN A 23 31.25 3.77 -6.36
C GLN A 23 31.97 4.68 -5.38
N HIS A 24 31.36 4.95 -4.22
CA HIS A 24 32.08 5.56 -3.08
C HIS A 24 32.53 4.42 -2.17
N ILE A 25 33.81 4.46 -1.82
CA ILE A 25 34.49 3.50 -0.91
C ILE A 25 34.99 4.32 0.26
N SER A 26 34.42 4.10 1.44
CA SER A 26 34.79 4.82 2.67
C SER A 26 35.47 3.83 3.61
N TYR A 27 36.44 4.29 4.38
CA TYR A 27 37.38 3.41 5.13
C TYR A 27 37.13 3.59 6.62
N LYS A 28 37.23 2.48 7.34
CA LYS A 28 37.19 2.45 8.83
C LYS A 28 38.20 1.41 9.33
N ARG A 29 38.97 1.78 10.36
CA ARG A 29 39.96 0.87 10.99
C ARG A 29 39.18 -0.21 11.73
N VAL A 30 39.32 -1.46 11.28
CA VAL A 30 38.68 -2.66 11.90
C VAL A 30 39.77 -3.71 12.10
N GLU A 31 40.36 -3.78 13.30
CA GLU A 31 41.47 -4.73 13.59
C GLU A 31 40.91 -6.14 13.46
N PRO A 32 41.68 -7.16 13.01
CA PRO A 32 43.10 -7.01 12.68
C PRO A 32 43.45 -6.61 11.24
N TRP A 33 42.50 -6.08 10.48
CA TRP A 33 42.64 -5.85 9.02
C TRP A 33 43.30 -4.49 8.74
N GLY A 34 43.16 -3.52 9.64
CA GLY A 34 43.50 -2.10 9.39
C GLY A 34 42.34 -1.40 8.71
N LEU A 35 42.64 -0.46 7.81
CA LEU A 35 41.61 0.28 7.04
C LEU A 35 40.92 -0.64 6.04
N ILE A 36 39.64 -0.90 6.26
CA ILE A 36 38.86 -1.73 5.31
C ILE A 36 37.75 -0.87 4.72
N GLY A 37 37.24 -1.23 3.55
CA GLY A 37 36.25 -0.35 2.93
C GLY A 37 34.83 -0.85 2.94
N ALA A 38 33.93 0.12 2.92
CA ALA A 38 32.49 -0.05 2.70
C ALA A 38 32.17 0.69 1.40
N SER A 39 31.28 0.11 0.60
CA SER A 39 30.87 0.65 -0.72
C SER A 39 29.43 1.15 -0.67
N GLY A 40 29.21 2.30 -1.32
CA GLY A 40 27.90 2.78 -1.74
C GLY A 40 28.01 3.30 -3.16
N LEU A 41 26.94 3.94 -3.64
CA LEU A 41 26.97 4.53 -5.00
C LEU A 41 26.57 6.01 -4.90
N VAL A 42 27.03 6.78 -5.89
CA VAL A 42 26.44 8.11 -6.24
C VAL A 42 25.85 7.92 -7.63
N VAL A 43 24.59 8.30 -7.79
CA VAL A 43 23.91 8.21 -9.09
C VAL A 43 23.61 9.65 -9.49
N ILE A 44 24.12 10.02 -10.67
CA ILE A 44 23.99 11.39 -11.25
C ILE A 44 22.88 11.36 -12.31
N ASN A 45 21.89 12.23 -12.12
CA ASN A 45 20.71 12.37 -13.00
C ASN A 45 20.61 13.86 -13.34
N GLY A 46 21.24 14.27 -14.44
CA GLY A 46 21.40 15.67 -14.88
C GLY A 46 22.15 16.50 -13.85
N THR A 47 21.51 17.53 -13.29
CA THR A 47 22.06 18.40 -12.22
C THR A 47 21.74 17.85 -10.80
N GLU A 48 21.18 16.65 -10.68
CA GLU A 48 20.79 16.10 -9.35
C GLU A 48 21.68 14.88 -9.08
N ALA A 49 22.11 14.71 -7.83
CA ALA A 49 22.88 13.54 -7.39
C ALA A 49 22.08 12.81 -6.31
N HIS A 50 22.25 11.51 -6.24
CA HIS A 50 21.59 10.66 -5.22
C HIS A 50 22.62 9.70 -4.63
N MET A 51 22.54 9.52 -3.32
CA MET A 51 23.45 8.63 -2.54
C MET A 51 22.74 7.30 -2.33
N ILE A 52 23.36 6.17 -2.66
CA ILE A 52 22.95 4.82 -2.17
C ILE A 52 23.96 4.43 -1.09
N ASP A 53 23.49 4.38 0.16
CA ASP A 53 24.25 4.17 1.43
C ASP A 53 25.06 5.44 1.75
N THR A 54 25.19 5.79 3.03
CA THR A 54 26.15 6.84 3.45
C THR A 54 27.52 6.19 3.64
N PRO A 55 28.62 6.94 3.45
CA PRO A 55 29.93 6.45 3.89
C PRO A 55 29.93 6.04 5.36
N TRP A 56 30.97 5.28 5.73
CA TRP A 56 31.12 4.56 7.02
C TRP A 56 31.45 5.53 8.16
N THR A 57 32.08 6.66 7.85
CA THR A 57 32.45 7.69 8.86
C THR A 57 31.85 9.04 8.45
N THR A 58 31.55 9.89 9.44
CA THR A 58 31.02 11.25 9.20
C THR A 58 32.01 12.01 8.32
N GLN A 59 33.32 11.83 8.53
CA GLN A 59 34.35 12.55 7.72
C GLN A 59 34.24 12.05 6.26
N GLY A 60 34.03 10.74 6.05
CA GLY A 60 33.71 10.20 4.71
C GLY A 60 32.53 10.93 4.08
N THR A 61 31.44 11.04 4.83
CA THR A 61 30.19 11.64 4.29
C THR A 61 30.45 13.10 3.95
N LYS A 62 31.11 13.84 4.83
CA LYS A 62 31.41 15.29 4.58
C LYS A 62 32.25 15.41 3.30
N GLN A 63 33.29 14.60 3.14
CA GLN A 63 34.14 14.59 1.92
C GLN A 63 33.33 14.19 0.69
N LEU A 64 32.32 13.33 0.84
CA LEU A 64 31.54 12.85 -0.32
C LEU A 64 30.61 13.98 -0.76
N ILE A 65 30.00 14.66 0.21
CA ILE A 65 29.08 15.81 -0.02
C ILE A 65 29.89 16.91 -0.73
N GLU A 66 31.16 17.11 -0.34
CA GLU A 66 32.06 18.13 -0.96
C GLU A 66 32.40 17.73 -2.40
N TRP A 67 32.75 16.46 -2.65
CA TRP A 67 33.08 15.99 -4.02
C TRP A 67 31.88 16.17 -4.95
N ILE A 68 30.67 15.84 -4.49
CA ILE A 68 29.43 15.88 -5.33
C ILE A 68 29.12 17.36 -5.62
N GLU A 69 29.11 18.19 -4.57
CA GLU A 69 28.77 19.63 -4.67
C GLU A 69 29.80 20.33 -5.55
N ALA A 70 31.07 19.90 -5.55
CA ALA A 70 32.17 20.49 -6.35
C ALA A 70 31.94 20.23 -7.85
N LYS A 71 31.00 19.35 -8.19
CA LYS A 71 30.61 19.12 -9.61
C LYS A 71 29.43 20.04 -9.95
N GLY A 72 28.93 20.82 -8.99
CA GLY A 72 27.79 21.73 -9.17
C GLY A 72 26.45 21.02 -9.07
N LEU A 73 26.45 19.79 -8.56
CA LEU A 73 25.23 18.95 -8.42
C LEU A 73 24.56 19.22 -7.08
N THR A 74 23.22 19.16 -7.05
CA THR A 74 22.41 19.20 -5.81
C THR A 74 22.24 17.76 -5.36
N ILE A 75 22.56 17.46 -4.09
CA ILE A 75 22.23 16.12 -3.51
C ILE A 75 20.74 16.17 -3.18
N LYS A 76 19.91 15.55 -4.02
CA LYS A 76 18.43 15.52 -3.86
C LYS A 76 18.08 14.52 -2.75
N SER A 77 18.70 13.34 -2.71
CA SER A 77 18.24 12.29 -1.77
C SER A 77 19.28 11.18 -1.60
N ALA A 78 19.12 10.45 -0.50
CA ALA A 78 19.87 9.24 -0.17
C ALA A 78 18.88 8.13 0.19
N VAL A 79 19.19 6.91 -0.23
CA VAL A 79 18.51 5.70 0.28
C VAL A 79 19.53 4.89 1.08
N VAL A 80 19.12 4.36 2.23
CA VAL A 80 20.00 3.52 3.09
C VAL A 80 19.51 2.06 2.93
N THR A 81 20.43 1.12 2.74
CA THR A 81 20.08 -0.26 2.28
C THR A 81 19.98 -1.22 3.47
N HIS A 82 20.49 -0.83 4.63
CA HIS A 82 20.17 -1.49 5.92
C HIS A 82 20.55 -0.58 7.09
N PHE A 83 20.20 -1.01 8.30
CA PHE A 83 20.26 -0.15 9.52
C PHE A 83 21.67 -0.05 10.10
N HIS A 84 22.66 -0.83 9.65
CA HIS A 84 24.05 -0.76 10.20
C HIS A 84 24.72 0.55 9.78
N GLU A 85 25.75 0.95 10.52
CA GLU A 85 26.45 2.27 10.40
C GLU A 85 27.11 2.44 9.02
N ASP A 86 27.45 1.35 8.34
CA ASP A 86 28.10 1.44 7.00
C ASP A 86 27.06 1.69 5.89
N ALA A 87 25.77 1.77 6.21
CA ALA A 87 24.70 2.11 5.25
C ALA A 87 23.92 3.34 5.70
N SER A 88 23.70 3.47 7.01
CA SER A 88 22.73 4.41 7.64
C SER A 88 23.44 5.44 8.53
N GLY A 89 24.78 5.35 8.63
CA GLY A 89 25.59 6.02 9.66
C GLY A 89 25.37 7.52 9.71
N ASP A 90 25.22 8.18 8.57
CA ASP A 90 25.15 9.66 8.54
C ASP A 90 23.75 10.16 8.17
N ILE A 91 22.70 9.37 8.47
CA ILE A 91 21.30 9.88 8.41
C ILE A 91 21.19 11.20 9.16
N PRO A 92 21.72 11.34 10.41
CA PRO A 92 21.59 12.60 11.15
C PRO A 92 22.20 13.81 10.41
N LEU A 93 23.38 13.66 9.82
CA LEU A 93 24.03 14.77 9.05
C LEU A 93 23.19 15.11 7.81
N LEU A 94 22.66 14.12 7.06
CA LEU A 94 21.84 14.39 5.85
C LEU A 94 20.54 15.12 6.23
N ASN A 95 19.83 14.64 7.26
CA ASN A 95 18.58 15.24 7.80
C ASN A 95 18.83 16.72 8.19
N ASP A 96 19.97 17.03 8.81
CA ASP A 96 20.34 18.41 9.23
C ASP A 96 20.57 19.28 7.98
N LEU A 97 21.21 18.74 6.94
CA LEU A 97 21.52 19.44 5.67
C LEU A 97 20.28 19.47 4.78
N LYS A 98 19.18 18.86 5.23
CA LYS A 98 17.86 18.82 4.56
C LYS A 98 18.00 18.04 3.25
N ILE A 99 18.79 16.97 3.26
CA ILE A 99 18.84 16.00 2.15
C ILE A 99 17.92 14.85 2.57
N LYS A 100 16.85 14.66 1.81
CA LYS A 100 15.80 13.63 2.04
C LYS A 100 16.53 12.30 2.23
N THR A 101 16.20 11.55 3.30
CA THR A 101 16.68 10.18 3.53
C THR A 101 15.51 9.20 3.43
N TYR A 102 15.70 8.16 2.63
CA TYR A 102 14.72 7.06 2.40
C TYR A 102 15.23 5.77 3.05
N ALA A 103 14.34 5.12 3.80
CA ALA A 103 14.58 3.82 4.45
C ALA A 103 13.24 3.10 4.45
N THR A 104 13.22 1.78 4.41
CA THR A 104 11.96 1.00 4.58
C THR A 104 11.44 1.18 6.01
N SER A 105 10.20 0.83 6.23
CA SER A 105 9.56 0.70 7.57
C SER A 105 10.38 -0.27 8.46
N LEU A 106 10.96 -1.34 7.92
CA LEU A 106 11.77 -2.29 8.74
C LEU A 106 13.08 -1.64 9.19
N THR A 107 13.75 -0.90 8.30
CA THR A 107 15.03 -0.21 8.61
C THR A 107 14.76 0.81 9.73
N ASN A 108 13.69 1.59 9.62
CA ASN A 108 13.35 2.63 10.62
C ASN A 108 12.98 1.98 11.95
N LYS A 109 12.29 0.84 11.94
CA LYS A 109 11.99 0.06 13.17
C LYS A 109 13.31 -0.30 13.88
N LEU A 110 14.33 -0.74 13.14
CA LEU A 110 15.60 -1.25 13.73
C LEU A 110 16.50 -0.06 14.11
N LEU A 111 16.44 1.07 13.40
CA LEU A 111 17.11 2.34 13.82
C LEU A 111 16.52 2.82 15.15
N LYS A 112 15.21 2.81 15.28
CA LYS A 112 14.47 3.28 16.49
C LYS A 112 14.78 2.33 17.65
N LEU A 113 14.64 1.01 17.45
CA LEU A 113 15.03 -0.01 18.45
C LEU A 113 16.44 0.27 18.99
N ASN A 114 17.35 0.71 18.13
CA ASN A 114 18.78 0.97 18.48
C ASN A 114 19.05 2.44 18.84
N GLN A 115 17.99 3.20 19.12
CA GLN A 115 18.01 4.62 19.57
C GLN A 115 18.69 5.54 18.57
N LYS A 116 18.49 5.30 17.28
CA LYS A 116 19.07 6.14 16.23
C LYS A 116 17.94 6.90 15.54
N GLU A 117 18.27 8.03 14.93
CA GLU A 117 17.34 8.89 14.17
C GLU A 117 16.84 8.09 12.95
N VAL A 118 15.54 8.12 12.72
CA VAL A 118 14.88 7.49 11.54
C VAL A 118 15.13 8.37 10.31
N SER A 119 14.86 7.81 9.13
CA SER A 119 14.87 8.51 7.82
C SER A 119 13.79 9.60 7.81
N SER A 120 13.95 10.60 6.97
CA SER A 120 12.92 11.65 6.76
C SER A 120 11.72 11.05 6.02
N ASP A 121 11.96 10.10 5.12
CA ASP A 121 10.96 9.51 4.19
C ASP A 121 10.98 7.98 4.28
N GLU A 122 9.80 7.37 4.33
CA GLU A 122 9.70 5.92 4.60
C GLU A 122 9.25 5.19 3.33
N ILE A 123 9.98 4.13 2.94
CA ILE A 123 9.53 3.22 1.86
C ILE A 123 8.55 2.21 2.49
N SER A 124 7.30 2.16 2.03
CA SER A 124 6.30 1.26 2.65
C SER A 124 5.77 0.24 1.65
N SER A 125 6.58 -0.13 0.66
CA SER A 125 6.29 -1.15 -0.38
C SER A 125 7.54 -2.00 -0.57
N ASN A 126 7.41 -3.24 -1.08
CA ASN A 126 8.53 -4.16 -1.37
C ASN A 126 9.34 -3.66 -2.57
N THR A 127 8.75 -2.86 -3.45
CA THR A 127 9.46 -2.26 -4.61
C THR A 127 9.19 -0.76 -4.57
N PHE A 128 10.16 0.06 -4.95
CA PHE A 128 10.07 1.53 -4.81
C PHE A 128 10.95 2.18 -5.85
N GLU A 129 10.37 3.13 -6.59
CA GLU A 129 11.06 3.89 -7.66
C GLU A 129 11.82 5.03 -6.96
N PHE A 130 13.11 4.82 -6.66
CA PHE A 130 13.91 5.76 -5.84
C PHE A 130 14.24 6.98 -6.71
N ILE A 131 14.69 6.75 -7.94
CA ILE A 131 14.85 7.79 -8.99
C ILE A 131 14.09 7.34 -10.24
N ASP A 132 13.11 8.15 -10.68
CA ASP A 132 12.19 7.85 -11.81
C ASP A 132 13.02 7.43 -13.02
N GLY A 133 12.85 6.18 -13.44
CA GLY A 133 13.47 5.55 -14.63
C GLY A 133 14.95 5.24 -14.44
N VAL A 134 15.49 5.35 -13.22
CA VAL A 134 16.97 5.33 -13.01
C VAL A 134 17.34 4.38 -11.85
N ALA A 135 16.56 4.36 -10.77
CA ALA A 135 16.93 3.55 -9.60
C ALA A 135 15.68 2.97 -8.96
N SER A 136 15.62 1.65 -8.83
CA SER A 136 14.51 0.97 -8.12
C SER A 136 15.05 0.18 -6.92
N VAL A 137 14.28 0.17 -5.85
CA VAL A 137 14.57 -0.52 -4.58
C VAL A 137 13.74 -1.78 -4.61
N PHE A 138 14.35 -2.90 -4.22
CA PHE A 138 13.65 -4.18 -4.02
C PHE A 138 14.00 -4.74 -2.64
N TYR A 139 12.96 -5.13 -1.91
CA TYR A 139 13.14 -5.84 -0.63
C TYR A 139 12.97 -7.35 -0.88
N PRO A 140 14.07 -8.13 -0.81
CA PRO A 140 14.03 -9.55 -1.11
C PRO A 140 13.64 -10.47 0.06
N GLY A 141 13.58 -9.91 1.27
CA GLY A 141 13.43 -10.68 2.51
C GLY A 141 14.72 -10.65 3.28
N ALA A 142 14.73 -11.27 4.46
CA ALA A 142 15.87 -11.19 5.39
C ALA A 142 17.09 -11.93 4.84
N GLY A 143 18.27 -11.46 5.23
CA GLY A 143 19.56 -12.07 4.89
C GLY A 143 20.59 -11.65 5.90
N HIS A 144 21.50 -10.76 5.50
CA HIS A 144 22.46 -10.07 6.39
C HIS A 144 21.73 -9.42 7.57
N THR A 145 20.59 -8.78 7.33
CA THR A 145 19.69 -8.23 8.36
C THR A 145 18.25 -8.50 7.93
N GLU A 146 17.30 -8.22 8.80
CA GLU A 146 15.84 -8.37 8.54
C GLU A 146 15.43 -7.37 7.44
N ASP A 147 16.11 -6.22 7.37
CA ASP A 147 15.66 -5.03 6.63
C ASP A 147 16.43 -4.83 5.30
N ASN A 148 17.41 -5.64 4.96
CA ASN A 148 18.35 -5.31 3.85
C ASN A 148 17.59 -5.20 2.54
N ILE A 149 17.89 -4.16 1.76
CA ILE A 149 17.28 -3.94 0.41
C ILE A 149 18.41 -3.93 -0.63
N VAL A 150 18.07 -4.19 -1.88
CA VAL A 150 18.99 -4.04 -3.02
C VAL A 150 18.45 -2.90 -3.90
N VAL A 151 19.34 -2.27 -4.64
CA VAL A 151 19.00 -1.14 -5.55
C VAL A 151 19.44 -1.52 -6.94
N TRP A 152 18.54 -1.43 -7.91
CA TRP A 152 18.80 -1.81 -9.31
C TRP A 152 18.89 -0.54 -10.17
N LEU A 153 19.93 -0.45 -10.98
CA LEU A 153 20.10 0.68 -11.93
C LEU A 153 19.83 0.14 -13.33
N PRO A 154 18.59 0.25 -13.85
CA PRO A 154 18.23 -0.42 -15.09
C PRO A 154 19.01 0.05 -16.33
N ASN A 155 19.43 1.31 -16.36
CA ASN A 155 20.17 1.86 -17.52
C ASN A 155 21.56 1.22 -17.64
N GLU A 156 22.20 0.93 -16.51
CA GLU A 156 23.61 0.43 -16.52
C GLU A 156 23.65 -1.08 -16.27
N LYS A 157 22.53 -1.71 -15.90
CA LYS A 157 22.51 -3.14 -15.50
C LYS A 157 23.41 -3.34 -14.27
N ILE A 158 23.36 -2.39 -13.35
CA ILE A 158 24.12 -2.44 -12.07
C ILE A 158 23.16 -2.75 -10.91
N LEU A 159 23.46 -3.83 -10.20
CA LEU A 159 22.77 -4.21 -8.93
C LEU A 159 23.70 -3.87 -7.77
N PHE A 160 23.29 -2.91 -6.94
CA PHE A 160 23.85 -2.67 -5.59
C PHE A 160 23.23 -3.68 -4.62
N GLY A 161 23.99 -4.71 -4.25
CA GLY A 161 23.52 -5.75 -3.32
C GLY A 161 23.71 -5.32 -1.88
N GLY A 162 24.61 -4.36 -1.64
CA GLY A 162 25.04 -3.99 -0.29
C GLY A 162 25.52 -5.21 0.50
N CYS A 163 25.34 -5.20 1.81
CA CYS A 163 25.91 -6.25 2.70
C CYS A 163 25.05 -7.51 2.64
N PHE A 164 23.92 -7.47 1.93
CA PHE A 164 23.14 -8.67 1.53
C PHE A 164 23.97 -9.58 0.58
N VAL A 165 24.95 -9.00 -0.11
CA VAL A 165 25.78 -9.75 -1.10
C VAL A 165 27.23 -9.71 -0.62
N LYS A 166 27.89 -10.87 -0.60
CA LYS A 166 29.33 -11.04 -0.24
C LYS A 166 30.18 -11.04 -1.52
N SER A 167 31.43 -10.60 -1.45
CA SER A 167 32.39 -10.66 -2.58
C SER A 167 32.77 -12.12 -2.80
N LEU A 168 33.27 -12.48 -3.98
CA LEU A 168 33.60 -13.88 -4.32
C LEU A 168 34.63 -14.48 -3.34
N LYS A 169 35.60 -13.67 -2.94
CA LYS A 169 36.75 -14.07 -2.08
C LYS A 169 36.27 -14.38 -0.67
N ASN A 170 35.12 -13.84 -0.25
CA ASN A 170 34.61 -14.06 1.13
C ASN A 170 34.40 -15.56 1.34
N LYS A 171 34.96 -16.07 2.44
CA LYS A 171 34.80 -17.48 2.86
C LYS A 171 33.65 -17.60 3.88
N ASN A 172 33.11 -16.48 4.35
CA ASN A 172 32.02 -16.54 5.35
C ASN A 172 31.10 -15.33 5.14
N LEU A 173 30.06 -15.24 5.96
CA LEU A 173 28.93 -14.28 5.80
C LEU A 173 29.25 -12.97 6.51
N GLY A 174 30.38 -12.92 7.23
CA GLY A 174 30.78 -11.75 8.04
C GLY A 174 30.01 -11.68 9.34
N TYR A 175 29.63 -10.47 9.77
CA TYR A 175 28.88 -10.28 11.03
C TYR A 175 27.45 -10.79 10.82
N THR A 176 27.03 -11.79 11.59
CA THR A 176 25.74 -12.51 11.43
C THR A 176 24.89 -12.27 12.68
N GLY A 177 25.30 -11.31 13.53
CA GLY A 177 24.58 -11.00 14.78
C GLY A 177 23.13 -10.62 14.51
N ASP A 178 22.88 -9.96 13.37
CA ASP A 178 21.53 -9.48 12.98
C ASP A 178 20.97 -10.28 11.79
N ALA A 179 21.62 -11.39 11.40
CA ALA A 179 21.30 -12.12 10.16
C ALA A 179 20.21 -13.16 10.40
N ASN A 180 19.53 -13.52 9.32
CA ASN A 180 18.61 -14.68 9.25
C ASN A 180 19.23 -15.65 8.24
N ILE A 181 20.13 -16.52 8.70
CA ILE A 181 20.90 -17.42 7.81
C ILE A 181 19.95 -18.40 7.10
N SER A 182 18.92 -18.93 7.77
CA SER A 182 18.00 -19.89 7.10
C SER A 182 17.22 -19.21 5.96
N GLU A 183 16.83 -17.94 6.08
CA GLU A 183 16.00 -17.27 5.03
C GLU A 183 16.89 -16.73 3.90
N TRP A 184 18.17 -16.45 4.18
CA TRP A 184 19.10 -15.74 3.26
C TRP A 184 19.15 -16.40 1.88
N PRO A 185 19.18 -17.75 1.73
CA PRO A 185 19.22 -18.37 0.41
C PRO A 185 17.94 -18.18 -0.45
N ASN A 186 16.77 -18.20 0.19
CA ASN A 186 15.46 -18.01 -0.47
C ASN A 186 15.36 -16.53 -0.86
N SER A 187 15.73 -15.62 0.04
CA SER A 187 15.82 -14.17 -0.27
C SER A 187 16.72 -13.94 -1.49
N MET A 188 17.91 -14.56 -1.49
CA MET A 188 18.85 -14.45 -2.63
C MET A 188 18.25 -15.07 -3.90
N GLN A 189 17.50 -16.18 -3.82
CA GLN A 189 16.90 -16.76 -5.06
C GLN A 189 15.97 -15.73 -5.71
N LYS A 190 15.26 -14.91 -4.92
CA LYS A 190 14.35 -13.88 -5.48
C LYS A 190 15.16 -12.83 -6.25
N VAL A 191 16.34 -12.46 -5.74
CA VAL A 191 17.23 -11.47 -6.39
C VAL A 191 17.81 -12.08 -7.66
N ILE A 192 18.29 -13.34 -7.59
CA ILE A 192 18.80 -14.07 -8.78
C ILE A 192 17.71 -14.11 -9.85
N ASN A 193 16.48 -14.46 -9.47
CA ASN A 193 15.37 -14.67 -10.41
C ASN A 193 14.98 -13.32 -11.02
N ARG A 194 15.15 -12.21 -10.27
CA ARG A 194 14.69 -10.86 -10.64
C ARG A 194 15.65 -10.20 -11.62
N TYR A 195 16.96 -10.47 -11.54
CA TYR A 195 17.97 -9.69 -12.30
C TYR A 195 18.88 -10.61 -13.11
N PRO A 196 18.36 -11.46 -14.00
CA PRO A 196 19.24 -12.28 -14.83
C PRO A 196 20.12 -11.40 -15.75
N ASP A 197 19.72 -10.13 -15.93
CA ASP A 197 20.37 -9.15 -16.84
C ASP A 197 21.45 -8.34 -16.12
N ALA A 198 21.75 -8.62 -14.85
CA ALA A 198 22.73 -7.82 -14.07
C ALA A 198 24.11 -8.03 -14.68
N LYS A 199 24.77 -6.94 -15.04
CA LYS A 199 26.11 -6.96 -15.65
C LYS A 199 27.13 -6.80 -14.52
N LEU A 200 26.82 -5.98 -13.52
CA LEU A 200 27.73 -5.68 -12.38
C LEU A 200 26.94 -5.84 -11.08
N VAL A 201 27.52 -6.55 -10.12
CA VAL A 201 26.97 -6.66 -8.74
C VAL A 201 27.99 -5.99 -7.82
N VAL A 202 27.53 -5.03 -7.03
CA VAL A 202 28.37 -4.29 -6.04
C VAL A 202 28.02 -4.81 -4.64
N PRO A 203 28.97 -5.52 -3.99
CA PRO A 203 28.80 -5.95 -2.60
C PRO A 203 29.05 -4.79 -1.63
N GLY A 204 28.59 -4.93 -0.39
CA GLY A 204 28.74 -3.87 0.63
C GLY A 204 30.21 -3.69 0.95
N HIS A 205 30.97 -4.77 0.81
CA HIS A 205 32.45 -4.85 1.04
C HIS A 205 33.07 -5.78 0.00
N GLY A 206 34.24 -5.42 -0.50
CA GLY A 206 35.03 -6.31 -1.37
C GLY A 206 34.86 -5.93 -2.82
N GLU A 207 35.41 -6.75 -3.71
CA GLU A 207 35.54 -6.41 -5.14
C GLU A 207 34.17 -6.56 -5.83
N VAL A 208 33.85 -5.64 -6.74
CA VAL A 208 32.65 -5.74 -7.63
C VAL A 208 32.82 -7.00 -8.50
N GLY A 209 31.73 -7.62 -8.92
CA GLY A 209 31.79 -8.83 -9.76
C GLY A 209 30.55 -8.97 -10.60
N ASP A 210 30.26 -10.19 -11.02
CA ASP A 210 29.08 -10.55 -11.85
C ASP A 210 28.09 -11.29 -10.96
N VAL A 211 27.09 -11.91 -11.57
CA VAL A 211 25.98 -12.58 -10.83
C VAL A 211 26.50 -13.74 -9.99
N SER A 212 27.72 -14.23 -10.26
CA SER A 212 28.30 -15.35 -9.46
C SER A 212 28.33 -14.93 -7.99
N LEU A 213 28.41 -13.64 -7.71
CA LEU A 213 28.44 -13.12 -6.30
C LEU A 213 27.12 -13.46 -5.60
N LEU A 214 26.01 -13.45 -6.34
CA LEU A 214 24.68 -13.84 -5.81
C LEU A 214 24.72 -15.34 -5.45
N LYS A 215 25.18 -16.17 -6.38
CA LYS A 215 25.14 -17.65 -6.21
C LYS A 215 26.14 -18.01 -5.10
N HIS A 216 27.26 -17.29 -5.02
CA HIS A 216 28.33 -17.53 -4.02
C HIS A 216 27.77 -17.26 -2.63
N THR A 217 27.09 -16.12 -2.44
CA THR A 217 26.45 -15.73 -1.17
C THR A 217 25.40 -16.78 -0.78
N GLN A 218 24.57 -17.22 -1.73
CA GLN A 218 23.53 -18.24 -1.45
C GLN A 218 24.20 -19.50 -0.87
N ALA A 219 25.34 -19.90 -1.46
CA ALA A 219 26.08 -21.14 -1.08
C ALA A 219 26.65 -20.98 0.34
N LEU A 220 27.25 -19.83 0.63
CA LEU A 220 27.78 -19.51 1.98
C LEU A 220 26.66 -19.66 3.01
N ALA A 221 25.47 -19.15 2.71
CA ALA A 221 24.30 -19.16 3.62
C ALA A 221 23.84 -20.60 3.80
N LEU A 222 23.82 -21.39 2.73
CA LEU A 222 23.34 -22.80 2.78
C LEU A 222 24.30 -23.60 3.65
N SER A 223 25.60 -23.27 3.58
CA SER A 223 26.66 -24.01 4.32
C SER A 223 26.67 -23.61 5.80
N ALA A 224 26.58 -22.31 6.11
CA ALA A 224 26.50 -21.79 7.49
C ALA A 224 25.31 -22.43 8.20
N ALA A 225 24.19 -22.68 7.50
CA ALA A 225 22.98 -23.33 8.07
C ALA A 225 23.30 -24.78 8.48
N ALA A 226 23.86 -25.58 7.54
CA ALA A 226 24.09 -27.04 7.65
C ALA A 226 24.99 -27.35 8.86
N GLY B 8 -17.84 -17.04 -36.37
CA GLY B 8 -17.29 -15.63 -36.36
C GLY B 8 -17.46 -14.94 -37.70
N THR B 9 -16.53 -14.07 -38.07
CA THR B 9 -16.52 -13.37 -39.39
C THR B 9 -15.11 -13.49 -39.99
N LYS B 10 -14.94 -12.91 -41.18
CA LYS B 10 -13.62 -12.71 -41.84
C LYS B 10 -12.76 -11.76 -41.02
N GLU B 11 -13.36 -10.96 -40.13
CA GLU B 11 -12.65 -9.88 -39.38
C GLU B 11 -12.32 -10.30 -37.93
N LEU B 12 -13.15 -11.14 -37.31
CA LEU B 12 -13.09 -11.39 -35.85
C LEU B 12 -13.65 -12.77 -35.52
N LYS B 13 -12.88 -13.57 -34.77
CA LYS B 13 -13.38 -14.84 -34.16
C LYS B 13 -13.13 -14.78 -32.64
N LEU B 14 -14.03 -15.36 -31.86
CA LEU B 14 -13.92 -15.42 -30.39
C LEU B 14 -13.82 -16.88 -29.96
N LYS B 15 -12.94 -17.19 -29.02
CA LYS B 15 -12.73 -18.53 -28.44
C LYS B 15 -12.76 -18.42 -26.92
N LYS B 16 -13.54 -19.28 -26.28
CA LYS B 16 -13.62 -19.32 -24.81
C LYS B 16 -12.38 -20.06 -24.29
N LEU B 17 -11.63 -19.45 -23.36
CA LEU B 17 -10.48 -20.13 -22.68
C LEU B 17 -10.91 -20.58 -21.27
N SER B 18 -11.82 -19.86 -20.63
CA SER B 18 -12.36 -20.13 -19.28
C SER B 18 -13.65 -19.34 -19.09
N ASP B 19 -14.38 -19.58 -18.01
CA ASP B 19 -15.66 -18.82 -17.78
C ASP B 19 -15.42 -17.32 -17.99
N ASN B 20 -14.33 -16.75 -17.46
CA ASN B 20 -14.08 -15.29 -17.47
C ASN B 20 -13.10 -14.84 -18.56
N VAL B 21 -12.59 -15.72 -19.44
CA VAL B 21 -11.52 -15.36 -20.41
C VAL B 21 -11.83 -15.89 -21.82
N TYR B 22 -11.98 -14.96 -22.75
CA TYR B 22 -12.18 -15.21 -24.19
C TYR B 22 -10.94 -14.73 -24.93
N GLN B 23 -10.55 -15.49 -25.96
CA GLN B 23 -9.51 -15.08 -26.93
C GLN B 23 -10.24 -14.39 -28.07
N HIS B 24 -9.84 -13.17 -28.43
CA HIS B 24 -10.26 -12.54 -29.70
C HIS B 24 -9.17 -12.74 -30.73
N ILE B 25 -9.57 -13.21 -31.91
CA ILE B 25 -8.66 -13.36 -33.09
C ILE B 25 -9.20 -12.48 -34.19
N SER B 26 -8.41 -11.52 -34.65
CA SER B 26 -8.80 -10.58 -35.71
C SER B 26 -7.81 -10.74 -36.87
N TYR B 27 -8.27 -10.40 -38.07
CA TYR B 27 -7.55 -10.70 -39.32
C TYR B 27 -7.34 -9.41 -40.07
N LYS B 28 -6.14 -9.29 -40.63
CA LYS B 28 -5.75 -8.14 -41.47
C LYS B 28 -4.89 -8.65 -42.61
N ARG B 29 -5.15 -8.17 -43.82
CA ARG B 29 -4.33 -8.39 -45.04
C ARG B 29 -3.01 -7.65 -44.86
N VAL B 30 -1.93 -8.39 -44.66
CA VAL B 30 -0.58 -7.80 -44.47
C VAL B 30 0.35 -8.43 -45.49
N GLU B 31 0.91 -7.61 -46.38
CA GLU B 31 1.91 -8.04 -47.39
C GLU B 31 3.13 -8.57 -46.64
N PRO B 32 3.73 -9.71 -47.05
CA PRO B 32 3.27 -10.51 -48.19
C PRO B 32 2.49 -11.80 -47.84
N TRP B 33 1.80 -11.84 -46.71
CA TRP B 33 1.13 -13.09 -46.29
C TRP B 33 -0.34 -13.16 -46.64
N GLY B 34 -0.97 -12.04 -46.91
CA GLY B 34 -2.43 -11.98 -47.03
C GLY B 34 -3.10 -11.83 -45.67
N LEU B 35 -4.35 -12.26 -45.56
CA LEU B 35 -5.18 -12.19 -44.33
C LEU B 35 -4.54 -13.07 -43.24
N ILE B 36 -3.97 -12.44 -42.22
CA ILE B 36 -3.33 -13.15 -41.07
C ILE B 36 -4.03 -12.76 -39.76
N GLY B 37 -3.77 -13.53 -38.71
CA GLY B 37 -4.44 -13.41 -37.40
C GLY B 37 -3.56 -12.79 -36.33
N ALA B 38 -4.18 -12.03 -35.43
CA ALA B 38 -3.58 -11.50 -34.20
C ALA B 38 -4.52 -11.83 -33.05
N SER B 39 -3.98 -12.21 -31.90
CA SER B 39 -4.76 -12.58 -30.71
C SER B 39 -4.68 -11.49 -29.63
N GLY B 40 -5.82 -11.23 -29.00
CA GLY B 40 -5.92 -10.55 -27.70
C GLY B 40 -6.88 -11.30 -26.79
N LEU B 41 -7.22 -10.74 -25.62
CA LEU B 41 -8.15 -11.40 -24.69
C LEU B 41 -9.26 -10.42 -24.34
N VAL B 42 -10.41 -10.98 -24.01
CA VAL B 42 -11.45 -10.24 -23.24
C VAL B 42 -11.47 -10.88 -21.85
N VAL B 43 -11.44 -10.06 -20.82
CA VAL B 43 -11.54 -10.55 -19.42
C VAL B 43 -12.83 -9.97 -18.84
N ILE B 44 -13.66 -10.85 -18.30
CA ILE B 44 -14.97 -10.51 -17.69
C ILE B 44 -14.79 -10.53 -16.17
N ASN B 45 -15.30 -9.50 -15.49
CA ASN B 45 -15.30 -9.43 -14.02
C ASN B 45 -16.69 -8.95 -13.60
N GLY B 46 -17.55 -9.87 -13.18
CA GLY B 46 -18.98 -9.56 -12.98
C GLY B 46 -19.60 -9.21 -14.32
N THR B 47 -20.11 -8.00 -14.47
CA THR B 47 -20.74 -7.51 -15.74
C THR B 47 -19.82 -6.50 -16.42
N GLU B 48 -18.56 -6.42 -15.97
CA GLU B 48 -17.57 -5.51 -16.60
C GLU B 48 -16.63 -6.35 -17.47
N ALA B 49 -16.36 -5.88 -18.67
CA ALA B 49 -15.45 -6.55 -19.59
C ALA B 49 -14.23 -5.64 -19.78
N HIS B 50 -13.07 -6.25 -20.03
CA HIS B 50 -11.78 -5.56 -20.23
C HIS B 50 -11.07 -6.20 -21.41
N MET B 51 -10.51 -5.40 -22.30
CA MET B 51 -9.77 -5.89 -23.48
C MET B 51 -8.27 -5.87 -23.16
N ILE B 52 -7.60 -6.95 -23.51
CA ILE B 52 -6.13 -7.00 -23.59
C ILE B 52 -5.80 -7.00 -25.08
N ASP B 53 -5.34 -5.85 -25.57
CA ASP B 53 -5.10 -5.54 -27.00
C ASP B 53 -6.43 -5.33 -27.75
N THR B 54 -6.42 -4.34 -28.60
CA THR B 54 -7.55 -4.16 -29.53
C THR B 54 -7.35 -5.09 -30.72
N PRO B 55 -8.44 -5.53 -31.38
CA PRO B 55 -8.33 -6.12 -32.70
C PRO B 55 -7.51 -5.26 -33.68
N TRP B 56 -7.08 -5.90 -34.77
CA TRP B 56 -6.06 -5.38 -35.72
C TRP B 56 -6.72 -4.44 -36.75
N THR B 57 -8.05 -4.45 -36.86
CA THR B 57 -8.80 -3.54 -37.78
C THR B 57 -9.95 -2.94 -36.98
N THR B 58 -10.34 -1.72 -37.34
CA THR B 58 -11.46 -0.96 -36.73
C THR B 58 -12.75 -1.77 -36.84
N GLN B 59 -12.95 -2.42 -37.98
CA GLN B 59 -14.14 -3.28 -38.18
C GLN B 59 -14.11 -4.38 -37.11
N GLY B 60 -12.95 -4.96 -36.88
CA GLY B 60 -12.80 -6.02 -35.86
C GLY B 60 -13.15 -5.48 -34.47
N THR B 61 -12.62 -4.30 -34.11
CA THR B 61 -12.87 -3.73 -32.75
C THR B 61 -14.38 -3.48 -32.60
N LYS B 62 -15.00 -2.92 -33.64
CA LYS B 62 -16.46 -2.62 -33.57
C LYS B 62 -17.21 -3.93 -33.38
N GLN B 63 -16.86 -4.98 -34.12
CA GLN B 63 -17.46 -6.32 -33.97
C GLN B 63 -17.21 -6.84 -32.53
N LEU B 64 -16.03 -6.61 -31.95
CA LEU B 64 -15.77 -7.13 -30.58
C LEU B 64 -16.66 -6.41 -29.56
N ILE B 65 -16.79 -5.08 -29.68
CA ILE B 65 -17.63 -4.26 -28.77
C ILE B 65 -19.08 -4.73 -28.88
N GLU B 66 -19.53 -5.02 -30.10
CA GLU B 66 -20.90 -5.52 -30.34
C GLU B 66 -21.05 -6.89 -29.65
N TRP B 67 -20.08 -7.79 -29.80
CA TRP B 67 -20.13 -9.11 -29.11
C TRP B 67 -20.23 -8.91 -27.60
N ILE B 68 -19.40 -8.05 -27.02
CA ILE B 68 -19.32 -7.84 -25.54
C ILE B 68 -20.69 -7.34 -25.04
N GLU B 69 -21.22 -6.29 -25.64
CA GLU B 69 -22.47 -5.60 -25.22
C GLU B 69 -23.65 -6.56 -25.44
N ALA B 70 -23.59 -7.44 -26.44
CA ALA B 70 -24.67 -8.42 -26.71
C ALA B 70 -24.74 -9.43 -25.56
N LYS B 71 -23.62 -9.68 -24.87
CA LYS B 71 -23.56 -10.58 -23.68
C LYS B 71 -24.09 -9.88 -22.43
N GLY B 72 -24.53 -8.62 -22.54
CA GLY B 72 -25.01 -7.84 -21.38
C GLY B 72 -23.87 -7.29 -20.54
N LEU B 73 -22.64 -7.23 -21.09
CA LEU B 73 -21.44 -6.70 -20.39
C LEU B 73 -21.19 -5.25 -20.79
N THR B 74 -20.49 -4.54 -19.90
CA THR B 74 -20.07 -3.14 -20.07
C THR B 74 -18.56 -3.14 -20.28
N ILE B 75 -18.07 -2.43 -21.30
CA ILE B 75 -16.60 -2.38 -21.57
C ILE B 75 -16.03 -1.26 -20.74
N LYS B 76 -15.23 -1.61 -19.76
CA LYS B 76 -14.72 -0.62 -18.77
C LYS B 76 -13.35 -0.11 -19.24
N SER B 77 -12.47 -0.98 -19.72
CA SER B 77 -11.08 -0.56 -20.01
C SER B 77 -10.38 -1.52 -20.98
N ALA B 78 -9.27 -1.03 -21.53
CA ALA B 78 -8.36 -1.78 -22.41
C ALA B 78 -6.92 -1.48 -21.98
N VAL B 79 -6.09 -2.50 -22.05
CA VAL B 79 -4.63 -2.30 -21.95
C VAL B 79 -4.03 -2.73 -23.29
N VAL B 80 -3.05 -1.99 -23.77
CA VAL B 80 -2.33 -2.30 -25.02
C VAL B 80 -0.93 -2.81 -24.65
N THR B 81 -0.50 -3.90 -25.26
CA THR B 81 0.70 -4.62 -24.79
C THR B 81 1.94 -4.17 -25.57
N HIS B 82 1.80 -3.45 -26.69
CA HIS B 82 2.91 -2.70 -27.32
C HIS B 82 2.36 -1.72 -28.36
N PHE B 83 3.23 -0.98 -29.03
CA PHE B 83 2.83 0.22 -29.81
C PHE B 83 2.34 -0.17 -31.19
N HIS B 84 2.58 -1.41 -31.63
CA HIS B 84 2.21 -1.84 -33.00
C HIS B 84 0.69 -1.86 -33.10
N GLU B 85 0.20 -1.85 -34.35
CA GLU B 85 -1.23 -1.72 -34.70
C GLU B 85 -2.05 -2.91 -34.18
N ASP B 86 -1.43 -4.09 -34.05
CA ASP B 86 -2.18 -5.33 -33.67
C ASP B 86 -2.41 -5.38 -32.14
N ALA B 87 -1.94 -4.38 -31.40
CA ALA B 87 -2.18 -4.21 -29.95
C ALA B 87 -2.89 -2.87 -29.68
N SER B 88 -2.48 -1.81 -30.38
CA SER B 88 -2.79 -0.40 -30.05
C SER B 88 -3.69 0.24 -31.12
N GLY B 89 -4.08 -0.52 -32.14
CA GLY B 89 -4.75 -0.02 -33.36
C GLY B 89 -5.94 0.86 -33.06
N ASP B 90 -6.80 0.48 -32.11
CA ASP B 90 -8.11 1.16 -31.92
C ASP B 90 -8.13 1.95 -30.61
N ILE B 91 -6.99 2.48 -30.22
CA ILE B 91 -6.94 3.51 -29.13
C ILE B 91 -7.88 4.67 -29.50
N PRO B 92 -7.86 5.27 -30.70
CA PRO B 92 -8.75 6.40 -30.96
C PRO B 92 -10.25 6.06 -30.79
N LEU B 93 -10.71 4.92 -31.31
CA LEU B 93 -12.13 4.47 -31.18
C LEU B 93 -12.47 4.33 -29.69
N LEU B 94 -11.66 3.64 -28.89
CA LEU B 94 -11.99 3.40 -27.46
C LEU B 94 -12.00 4.77 -26.76
N ASN B 95 -11.00 5.63 -27.06
CA ASN B 95 -10.88 7.00 -26.48
C ASN B 95 -12.17 7.76 -26.82
N ASP B 96 -12.66 7.66 -28.07
CA ASP B 96 -13.93 8.29 -28.51
C ASP B 96 -15.13 7.72 -27.74
N LEU B 97 -15.14 6.42 -27.44
CA LEU B 97 -16.27 5.78 -26.69
C LEU B 97 -16.10 5.99 -25.17
N LYS B 98 -15.10 6.77 -24.75
CA LYS B 98 -14.77 6.99 -23.30
C LYS B 98 -14.54 5.64 -22.60
N ILE B 99 -13.97 4.67 -23.32
CA ILE B 99 -13.43 3.43 -22.70
C ILE B 99 -11.96 3.72 -22.33
N LYS B 100 -11.58 3.57 -21.07
CA LYS B 100 -10.22 3.87 -20.56
C LYS B 100 -9.22 2.97 -21.30
N THR B 101 -8.16 3.57 -21.82
CA THR B 101 -7.04 2.83 -22.45
C THR B 101 -5.80 3.04 -21.59
N TYR B 102 -5.13 1.94 -21.23
CA TYR B 102 -3.87 1.95 -20.46
C TYR B 102 -2.72 1.48 -21.34
N ALA B 103 -1.64 2.24 -21.29
CA ALA B 103 -0.35 1.91 -21.94
C ALA B 103 0.76 2.41 -21.04
N THR B 104 1.95 1.84 -21.18
CA THR B 104 3.15 2.32 -20.44
C THR B 104 3.56 3.68 -21.01
N SER B 105 4.27 4.49 -20.24
CA SER B 105 4.87 5.74 -20.75
C SER B 105 5.72 5.44 -21.99
N LEU B 106 6.46 4.33 -22.04
CA LEU B 106 7.31 4.07 -23.23
C LEU B 106 6.42 3.76 -24.44
N THR B 107 5.37 2.96 -24.28
CA THR B 107 4.40 2.68 -25.39
C THR B 107 3.87 4.03 -25.92
N ASN B 108 3.49 4.95 -25.03
CA ASN B 108 2.87 6.24 -25.43
C ASN B 108 3.92 7.11 -26.14
N LYS B 109 5.17 7.09 -25.66
CA LYS B 109 6.29 7.78 -26.38
C LYS B 109 6.43 7.24 -27.79
N LEU B 110 6.28 5.92 -27.96
CA LEU B 110 6.42 5.28 -29.30
C LEU B 110 5.20 5.61 -30.17
N LEU B 111 3.98 5.61 -29.60
CA LEU B 111 2.76 6.05 -30.34
C LEU B 111 2.97 7.50 -30.83
N LYS B 112 3.38 8.42 -29.96
CA LYS B 112 3.52 9.85 -30.29
C LYS B 112 4.59 10.01 -31.37
N LEU B 113 5.73 9.33 -31.27
CA LEU B 113 6.77 9.34 -32.32
C LEU B 113 6.15 8.92 -33.66
N ASN B 114 5.24 7.94 -33.66
CA ASN B 114 4.63 7.37 -34.89
C ASN B 114 3.36 8.15 -35.26
N GLN B 115 3.16 9.35 -34.71
CA GLN B 115 2.01 10.26 -34.95
C GLN B 115 0.69 9.54 -34.67
N LYS B 116 0.61 8.85 -33.52
CA LYS B 116 -0.60 8.11 -33.12
C LYS B 116 -1.10 8.71 -31.80
N GLU B 117 -2.40 8.61 -31.56
CA GLU B 117 -3.05 9.04 -30.29
C GLU B 117 -2.53 8.12 -29.16
N VAL B 118 -2.18 8.74 -28.03
CA VAL B 118 -1.68 8.08 -26.79
C VAL B 118 -2.88 7.58 -25.99
N SER B 119 -2.64 6.66 -25.06
CA SER B 119 -3.69 6.05 -24.20
C SER B 119 -4.25 7.15 -23.30
N SER B 120 -5.48 6.99 -22.82
CA SER B 120 -6.13 7.92 -21.86
C SER B 120 -5.37 7.89 -20.53
N ASP B 121 -4.85 6.72 -20.15
CA ASP B 121 -4.25 6.46 -18.82
C ASP B 121 -2.87 5.83 -19.03
N GLU B 122 -1.90 6.26 -18.22
CA GLU B 122 -0.49 5.83 -18.38
C GLU B 122 -0.12 4.92 -17.23
N ILE B 123 0.44 3.77 -17.54
CA ILE B 123 1.06 2.84 -16.55
C ILE B 123 2.48 3.36 -16.29
N SER B 124 2.77 3.78 -15.06
CA SER B 124 4.09 4.40 -14.71
C SER B 124 4.94 3.43 -13.87
N SER B 125 4.41 2.24 -13.50
CA SER B 125 5.12 1.22 -12.68
C SER B 125 5.40 -0.04 -13.53
N ASN B 126 6.46 -0.81 -13.20
CA ASN B 126 6.87 -1.93 -14.07
C ASN B 126 5.85 -3.07 -13.87
N THR B 127 5.20 -3.10 -12.71
CA THR B 127 4.09 -4.04 -12.34
C THR B 127 2.86 -3.22 -11.96
N PHE B 128 1.70 -3.57 -12.53
CA PHE B 128 0.49 -2.73 -12.49
C PHE B 128 -0.75 -3.60 -12.42
N GLU B 129 -1.62 -3.33 -11.45
CA GLU B 129 -2.90 -4.08 -11.29
C GLU B 129 -3.89 -3.46 -12.28
N PHE B 130 -4.05 -4.10 -13.43
CA PHE B 130 -4.97 -3.67 -14.51
C PHE B 130 -6.40 -3.92 -14.04
N ILE B 131 -6.65 -5.08 -13.44
CA ILE B 131 -7.96 -5.47 -12.83
C ILE B 131 -7.64 -6.06 -11.47
N ASP B 132 -8.01 -5.37 -10.39
CA ASP B 132 -7.79 -5.83 -9.00
C ASP B 132 -8.19 -7.31 -8.87
N GLY B 133 -7.26 -8.11 -8.35
CA GLY B 133 -7.41 -9.56 -8.09
C GLY B 133 -7.59 -10.41 -9.33
N VAL B 134 -7.41 -9.86 -10.54
CA VAL B 134 -7.79 -10.57 -11.79
C VAL B 134 -6.74 -10.43 -12.88
N ALA B 135 -6.09 -9.30 -13.07
CA ALA B 135 -5.10 -9.15 -14.16
C ALA B 135 -3.97 -8.23 -13.71
N SER B 136 -2.73 -8.72 -13.88
CA SER B 136 -1.47 -8.03 -13.54
C SER B 136 -0.67 -7.78 -14.81
N VAL B 137 -0.24 -6.55 -15.00
CA VAL B 137 0.68 -6.18 -16.10
C VAL B 137 2.10 -6.27 -15.56
N PHE B 138 3.00 -6.86 -16.35
CA PHE B 138 4.44 -6.92 -16.05
C PHE B 138 5.24 -6.50 -17.29
N TYR B 139 6.17 -5.57 -17.12
CA TYR B 139 7.14 -5.20 -18.17
C TYR B 139 8.39 -6.01 -17.91
N PRO B 140 8.75 -6.98 -18.78
CA PRO B 140 9.88 -7.87 -18.53
C PRO B 140 11.19 -7.31 -19.06
N GLY B 141 11.13 -6.20 -19.80
CA GLY B 141 12.25 -5.69 -20.59
C GLY B 141 11.98 -5.89 -22.08
N ALA B 142 12.85 -5.34 -22.91
CA ALA B 142 12.70 -5.31 -24.38
C ALA B 142 12.77 -6.73 -24.95
N GLY B 143 12.05 -6.95 -26.03
CA GLY B 143 12.12 -8.18 -26.82
C GLY B 143 11.62 -7.92 -28.23
N HIS B 144 10.38 -8.29 -28.49
CA HIS B 144 9.72 -8.04 -29.78
C HIS B 144 9.77 -6.54 -30.10
N THR B 145 9.48 -5.72 -29.11
CA THR B 145 9.65 -4.25 -29.16
C THR B 145 10.31 -3.84 -27.86
N GLU B 146 10.74 -2.59 -27.74
CA GLU B 146 11.39 -2.07 -26.53
C GLU B 146 10.38 -1.96 -25.40
N ASP B 147 9.09 -1.80 -25.73
CA ASP B 147 8.01 -1.48 -24.77
C ASP B 147 7.16 -2.71 -24.41
N ASN B 148 7.34 -3.88 -25.00
CA ASN B 148 6.32 -4.95 -24.87
C ASN B 148 6.05 -5.29 -23.40
N ILE B 149 4.79 -5.52 -23.03
CA ILE B 149 4.37 -5.98 -21.67
C ILE B 149 3.64 -7.31 -21.79
N VAL B 150 3.63 -8.07 -20.71
CA VAL B 150 2.80 -9.29 -20.61
C VAL B 150 1.69 -9.03 -19.59
N VAL B 151 0.62 -9.81 -19.69
CA VAL B 151 -0.52 -9.73 -18.74
C VAL B 151 -0.77 -11.12 -18.17
N TRP B 152 -0.82 -11.21 -16.85
CA TRP B 152 -0.99 -12.43 -16.06
C TRP B 152 -2.40 -12.42 -15.46
N LEU B 153 -3.12 -13.51 -15.69
CA LEU B 153 -4.45 -13.76 -15.12
C LEU B 153 -4.28 -14.83 -14.07
N PRO B 154 -4.05 -14.44 -12.80
CA PRO B 154 -3.73 -15.42 -11.76
C PRO B 154 -4.83 -16.44 -11.46
N ASN B 155 -6.12 -16.10 -11.64
CA ASN B 155 -7.23 -17.01 -11.27
C ASN B 155 -7.25 -18.19 -12.24
N GLU B 156 -6.95 -17.96 -13.51
CA GLU B 156 -6.94 -19.00 -14.58
C GLU B 156 -5.51 -19.49 -14.84
N LYS B 157 -4.49 -18.83 -14.30
CA LYS B 157 -3.06 -19.12 -14.61
C LYS B 157 -2.85 -19.05 -16.13
N ILE B 158 -3.41 -18.02 -16.75
CA ILE B 158 -3.24 -17.74 -18.20
C ILE B 158 -2.27 -16.58 -18.32
N LEU B 159 -1.23 -16.74 -19.14
CA LEU B 159 -0.27 -15.65 -19.41
C LEU B 159 -0.51 -15.17 -20.82
N PHE B 160 -0.85 -13.90 -20.95
CA PHE B 160 -0.93 -13.25 -22.27
C PHE B 160 0.47 -12.73 -22.58
N GLY B 161 1.17 -13.44 -23.47
CA GLY B 161 2.53 -13.09 -23.89
C GLY B 161 2.53 -12.05 -24.97
N GLY B 162 1.45 -11.97 -25.75
CA GLY B 162 1.44 -11.08 -26.92
C GLY B 162 2.62 -11.38 -27.83
N CYS B 163 3.13 -10.37 -28.55
CA CYS B 163 4.12 -10.59 -29.64
C CYS B 163 5.53 -10.78 -29.08
N PHE B 164 5.67 -10.63 -27.77
CA PHE B 164 6.89 -10.98 -26.99
C PHE B 164 7.05 -12.51 -26.93
N VAL B 165 5.99 -13.29 -27.18
CA VAL B 165 6.07 -14.78 -27.17
C VAL B 165 5.71 -15.31 -28.56
N LYS B 166 6.56 -16.20 -29.08
CA LYS B 166 6.28 -16.92 -30.35
C LYS B 166 5.53 -18.22 -30.08
N SER B 167 4.71 -18.65 -31.03
CA SER B 167 4.03 -19.97 -31.00
C SER B 167 5.08 -21.08 -31.18
N LEU B 168 4.77 -22.28 -30.72
CA LEU B 168 5.67 -23.47 -30.82
C LEU B 168 6.10 -23.70 -32.27
N LYS B 169 5.18 -23.52 -33.21
CA LYS B 169 5.41 -23.77 -34.65
C LYS B 169 6.30 -22.71 -35.28
N ASN B 170 6.40 -21.53 -34.68
CA ASN B 170 7.26 -20.47 -35.25
C ASN B 170 8.70 -20.93 -35.23
N LYS B 171 9.42 -20.77 -36.34
CA LYS B 171 10.84 -21.15 -36.43
C LYS B 171 11.71 -19.89 -36.43
N ASN B 172 11.07 -18.72 -36.36
CA ASN B 172 11.82 -17.45 -36.28
C ASN B 172 11.07 -16.45 -35.38
N LEU B 173 11.64 -15.27 -35.19
CA LEU B 173 11.09 -14.27 -34.24
C LEU B 173 9.99 -13.44 -34.94
N GLY B 174 9.77 -13.61 -36.24
CA GLY B 174 8.74 -12.85 -36.99
C GLY B 174 9.26 -11.48 -37.39
N TYR B 175 8.43 -10.43 -37.31
CA TYR B 175 8.90 -9.06 -37.60
C TYR B 175 9.82 -8.58 -36.48
N THR B 176 11.09 -8.30 -36.82
CA THR B 176 12.14 -7.92 -35.85
C THR B 176 12.68 -6.51 -36.11
N GLY B 177 12.05 -5.71 -36.98
CA GLY B 177 12.46 -4.32 -37.26
C GLY B 177 12.52 -3.46 -36.00
N ASP B 178 11.64 -3.72 -35.03
CA ASP B 178 11.56 -2.89 -33.78
C ASP B 178 12.09 -3.69 -32.59
N ALA B 179 12.67 -4.85 -32.86
CA ALA B 179 13.00 -5.84 -31.81
C ALA B 179 14.36 -5.53 -31.21
N ASN B 180 14.55 -5.99 -29.98
CA ASN B 180 15.82 -5.91 -29.21
C ASN B 180 16.26 -7.37 -28.94
N ILE B 181 16.88 -7.98 -29.92
CA ILE B 181 17.25 -9.43 -29.94
C ILE B 181 18.21 -9.69 -28.78
N SER B 182 19.17 -8.78 -28.55
CA SER B 182 20.14 -8.83 -27.42
C SER B 182 19.43 -9.02 -26.08
N GLU B 183 18.34 -8.30 -25.85
CA GLU B 183 17.74 -8.21 -24.50
C GLU B 183 16.72 -9.33 -24.32
N TRP B 184 16.21 -9.85 -25.42
CA TRP B 184 14.99 -10.70 -25.41
C TRP B 184 15.19 -11.94 -24.52
N PRO B 185 16.34 -12.68 -24.62
CA PRO B 185 16.55 -13.86 -23.77
C PRO B 185 16.45 -13.60 -22.26
N ASN B 186 17.03 -12.50 -21.80
CA ASN B 186 17.01 -12.11 -20.36
C ASN B 186 15.62 -11.59 -19.99
N SER B 187 14.95 -10.90 -20.89
CA SER B 187 13.55 -10.46 -20.70
C SER B 187 12.67 -11.71 -20.52
N MET B 188 12.85 -12.69 -21.40
CA MET B 188 12.07 -13.94 -21.33
C MET B 188 12.37 -14.71 -20.02
N GLN B 189 13.61 -14.65 -19.54
CA GLN B 189 14.02 -15.37 -18.31
C GLN B 189 13.24 -14.81 -17.12
N LYS B 190 12.99 -13.49 -17.09
CA LYS B 190 12.20 -12.87 -15.97
C LYS B 190 10.77 -13.41 -15.99
N VAL B 191 10.20 -13.59 -17.18
CA VAL B 191 8.81 -14.10 -17.36
C VAL B 191 8.79 -15.58 -16.96
N ILE B 192 9.79 -16.37 -17.41
CA ILE B 192 9.92 -17.80 -17.04
C ILE B 192 9.97 -17.91 -15.51
N ASN B 193 10.76 -17.07 -14.85
CA ASN B 193 10.99 -17.08 -13.38
C ASN B 193 9.73 -16.61 -12.63
N ARG B 194 9.00 -15.64 -13.17
CA ARG B 194 7.83 -15.06 -12.48
C ARG B 194 6.61 -15.99 -12.56
N TYR B 195 6.41 -16.73 -13.66
CA TYR B 195 5.15 -17.49 -13.91
C TYR B 195 5.44 -18.97 -14.15
N PRO B 196 6.08 -19.69 -13.20
CA PRO B 196 6.38 -21.11 -13.38
C PRO B 196 5.09 -21.97 -13.42
N ASP B 197 3.99 -21.41 -12.90
CA ASP B 197 2.68 -22.09 -12.68
C ASP B 197 1.74 -21.80 -13.86
N ALA B 198 2.20 -21.13 -14.91
CA ALA B 198 1.35 -20.78 -16.06
C ALA B 198 0.82 -22.06 -16.69
N LYS B 199 -0.51 -22.16 -16.84
CA LYS B 199 -1.20 -23.33 -17.44
C LYS B 199 -1.41 -23.08 -18.93
N LEU B 200 -1.65 -21.83 -19.33
CA LEU B 200 -1.80 -21.45 -20.75
C LEU B 200 -0.94 -20.23 -21.03
N VAL B 201 -0.24 -20.25 -22.16
CA VAL B 201 0.48 -19.07 -22.70
C VAL B 201 -0.16 -18.68 -24.03
N VAL B 202 -0.50 -17.41 -24.17
CA VAL B 202 -1.19 -16.88 -25.36
C VAL B 202 -0.20 -16.00 -26.09
N PRO B 203 0.29 -16.47 -27.26
CA PRO B 203 1.21 -15.69 -28.06
C PRO B 203 0.39 -14.67 -28.87
N GLY B 204 1.03 -13.63 -29.41
CA GLY B 204 0.34 -12.58 -30.17
C GLY B 204 -0.20 -13.08 -31.52
N HIS B 205 0.43 -14.11 -32.08
CA HIS B 205 0.04 -14.77 -33.35
C HIS B 205 0.26 -16.27 -33.16
N GLY B 206 -0.62 -17.09 -33.70
CA GLY B 206 -0.44 -18.55 -33.68
C GLY B 206 -1.14 -19.20 -32.50
N GLU B 207 -0.96 -20.50 -32.35
CA GLU B 207 -1.71 -21.35 -31.41
C GLU B 207 -1.27 -21.08 -29.97
N VAL B 208 -2.23 -21.11 -29.05
CA VAL B 208 -2.01 -21.08 -27.58
C VAL B 208 -1.29 -22.38 -27.23
N GLY B 209 -0.44 -22.35 -26.22
CA GLY B 209 0.19 -23.57 -25.72
C GLY B 209 0.36 -23.50 -24.24
N ASP B 210 1.21 -24.37 -23.70
CA ASP B 210 1.52 -24.43 -22.26
C ASP B 210 2.79 -23.60 -22.04
N VAL B 211 3.46 -23.80 -20.92
CA VAL B 211 4.59 -22.92 -20.50
C VAL B 211 5.79 -23.08 -21.44
N SER B 212 5.85 -24.14 -22.25
CA SER B 212 7.00 -24.44 -23.16
C SER B 212 7.19 -23.35 -24.21
N LEU B 213 6.15 -22.57 -24.54
CA LEU B 213 6.27 -21.42 -25.47
C LEU B 213 7.35 -20.44 -24.98
N LEU B 214 7.54 -20.27 -23.68
CA LEU B 214 8.50 -19.26 -23.15
C LEU B 214 9.94 -19.70 -23.44
N LYS B 215 10.30 -20.94 -23.10
CA LYS B 215 11.64 -21.51 -23.37
C LYS B 215 11.87 -21.56 -24.89
N HIS B 216 10.82 -21.86 -25.67
CA HIS B 216 10.92 -21.91 -27.15
C HIS B 216 11.36 -20.53 -27.67
N THR B 217 10.73 -19.45 -27.20
CA THR B 217 11.01 -18.09 -27.67
C THR B 217 12.43 -17.69 -27.25
N GLN B 218 12.81 -18.01 -26.00
CA GLN B 218 14.15 -17.69 -25.48
C GLN B 218 15.21 -18.36 -26.39
N ALA B 219 14.96 -19.59 -26.83
CA ALA B 219 15.86 -20.38 -27.72
C ALA B 219 15.98 -19.71 -29.09
N LEU B 220 14.86 -19.25 -29.67
CA LEU B 220 14.84 -18.56 -30.98
C LEU B 220 15.64 -17.27 -30.86
N ALA B 221 15.48 -16.56 -29.75
CA ALA B 221 16.18 -15.28 -29.50
C ALA B 221 17.67 -15.52 -29.25
N LEU B 222 18.05 -16.60 -28.55
CA LEU B 222 19.48 -16.98 -28.39
C LEU B 222 20.12 -17.31 -29.75
N SER B 223 19.46 -18.11 -30.61
CA SER B 223 19.93 -18.43 -31.99
C SER B 223 20.09 -17.15 -32.83
N ALA B 224 19.20 -16.17 -32.69
CA ALA B 224 19.25 -14.96 -33.56
C ALA B 224 20.40 -14.04 -33.14
N ALA B 225 20.70 -13.97 -31.85
CA ALA B 225 21.81 -13.09 -31.40
C ALA B 225 23.10 -13.66 -31.98
N ALA B 226 23.26 -14.98 -31.86
CA ALA B 226 24.42 -15.67 -32.45
C ALA B 226 24.14 -15.83 -33.95
N SER B 227 24.38 -14.77 -34.72
CA SER B 227 24.17 -14.65 -36.19
C SER B 227 24.64 -13.26 -36.62
N GLY C 8 -1.34 -11.69 25.40
CA GLY C 8 -1.92 -10.44 24.81
C GLY C 8 -2.73 -9.64 25.83
N THR C 9 -3.72 -8.86 25.38
CA THR C 9 -4.61 -8.03 26.23
C THR C 9 -5.96 -8.73 26.41
N LYS C 10 -6.88 -8.08 27.11
CA LYS C 10 -8.30 -8.51 27.25
C LYS C 10 -8.99 -8.52 25.87
N GLU C 11 -8.56 -7.66 24.97
CA GLU C 11 -9.24 -7.50 23.67
C GLU C 11 -8.53 -8.20 22.50
N LEU C 12 -7.24 -8.51 22.61
CA LEU C 12 -6.52 -9.10 21.45
C LEU C 12 -5.35 -10.00 21.85
N LYS C 13 -5.25 -11.15 21.19
CA LYS C 13 -4.11 -12.10 21.32
C LYS C 13 -3.68 -12.47 19.90
N LEU C 14 -2.36 -12.55 19.68
CA LEU C 14 -1.73 -12.96 18.41
C LEU C 14 -1.02 -14.30 18.61
N LYS C 15 -1.20 -15.22 17.68
CA LYS C 15 -0.48 -16.52 17.65
C LYS C 15 0.19 -16.69 16.30
N LYS C 16 1.47 -17.07 16.31
CA LYS C 16 2.24 -17.30 15.06
C LYS C 16 1.85 -18.66 14.45
N LEU C 17 1.40 -18.69 13.20
CA LEU C 17 1.06 -19.96 12.49
C LEU C 17 2.20 -20.36 11.55
N SER C 18 2.97 -19.39 11.07
CA SER C 18 4.15 -19.57 10.18
C SER C 18 4.89 -18.23 10.19
N ASP C 19 6.07 -18.17 9.57
CA ASP C 19 6.88 -16.92 9.45
C ASP C 19 5.97 -15.78 8.96
N ASN C 20 5.09 -16.04 8.00
CA ASN C 20 4.32 -15.01 7.26
C ASN C 20 2.87 -14.90 7.76
N VAL C 21 2.42 -15.74 8.69
CA VAL C 21 0.98 -15.78 9.04
C VAL C 21 0.82 -15.82 10.55
N TYR C 22 0.10 -14.83 11.07
CA TYR C 22 -0.36 -14.74 12.48
C TYR C 22 -1.89 -14.82 12.52
N GLN C 23 -2.39 -15.55 13.50
CA GLN C 23 -3.81 -15.59 13.91
C GLN C 23 -4.06 -14.45 14.90
N HIS C 24 -5.06 -13.61 14.63
CA HIS C 24 -5.51 -12.59 15.60
C HIS C 24 -6.79 -13.11 16.24
N ILE C 25 -6.80 -13.15 17.57
CA ILE C 25 -7.97 -13.60 18.37
C ILE C 25 -8.49 -12.39 19.15
N SER C 26 -9.77 -12.05 18.97
CA SER C 26 -10.41 -10.89 19.63
C SER C 26 -11.66 -11.37 20.37
N TYR C 27 -11.98 -10.72 21.47
CA TYR C 27 -13.02 -11.20 22.42
C TYR C 27 -14.18 -10.20 22.45
N LYS C 28 -15.40 -10.72 22.51
CA LYS C 28 -16.64 -9.94 22.72
C LYS C 28 -17.57 -10.72 23.65
N ARG C 29 -18.23 -9.97 24.51
CA ARG C 29 -19.26 -10.52 25.41
C ARG C 29 -20.56 -10.55 24.60
N VAL C 30 -20.98 -11.74 24.21
CA VAL C 30 -22.28 -11.98 23.54
C VAL C 30 -23.16 -12.82 24.48
N GLU C 31 -24.15 -12.20 25.14
CA GLU C 31 -25.16 -12.90 26.00
C GLU C 31 -25.98 -13.84 25.11
N PRO C 32 -26.42 -15.04 25.57
CA PRO C 32 -26.19 -15.54 26.93
C PRO C 32 -24.91 -16.37 27.19
N TRP C 33 -23.87 -16.16 26.39
CA TRP C 33 -22.55 -16.82 26.61
C TRP C 33 -21.59 -15.76 27.14
N GLY C 34 -20.39 -16.14 27.58
CA GLY C 34 -19.41 -15.19 28.15
C GLY C 34 -18.73 -14.34 27.07
N LEU C 35 -17.52 -13.86 27.38
CA LEU C 35 -16.52 -13.44 26.37
C LEU C 35 -16.38 -14.62 25.41
N ILE C 36 -16.66 -14.41 24.13
CA ILE C 36 -16.38 -15.40 23.05
C ILE C 36 -15.22 -14.87 22.21
N GLY C 37 -14.42 -15.77 21.64
CA GLY C 37 -13.27 -15.44 20.78
C GLY C 37 -13.62 -15.60 19.33
N ALA C 38 -13.06 -14.74 18.48
CA ALA C 38 -13.17 -14.82 17.01
C ALA C 38 -11.76 -14.72 16.43
N SER C 39 -11.48 -15.49 15.37
CA SER C 39 -10.15 -15.55 14.74
C SER C 39 -10.16 -14.87 13.37
N GLY C 40 -9.10 -14.13 13.07
CA GLY C 40 -8.72 -13.77 11.69
C GLY C 40 -7.24 -13.94 11.51
N LEU C 41 -6.68 -13.40 10.45
CA LEU C 41 -5.25 -13.62 10.14
C LEU C 41 -4.62 -12.29 9.80
N VAL C 42 -3.35 -12.17 10.12
CA VAL C 42 -2.45 -11.20 9.45
C VAL C 42 -1.54 -12.00 8.52
N VAL C 43 -1.53 -11.65 7.25
CA VAL C 43 -0.65 -12.27 6.23
C VAL C 43 0.41 -11.22 5.87
N ILE C 44 1.68 -11.59 6.05
CA ILE C 44 2.85 -10.68 5.89
C ILE C 44 3.49 -11.01 4.55
N ASN C 45 3.72 -10.01 3.74
CA ASN C 45 4.39 -10.16 2.44
C ASN C 45 5.52 -9.14 2.39
N GLY C 46 6.72 -9.51 2.87
CA GLY C 46 7.85 -8.59 2.99
C GLY C 46 7.55 -7.50 3.99
N THR C 47 7.54 -6.23 3.56
CA THR C 47 7.25 -5.06 4.41
C THR C 47 5.74 -4.78 4.45
N GLU C 48 4.93 -5.56 3.73
CA GLU C 48 3.49 -5.30 3.52
C GLU C 48 2.65 -6.33 4.31
N ALA C 49 1.59 -5.89 4.95
CA ALA C 49 0.68 -6.75 5.73
C ALA C 49 -0.74 -6.61 5.20
N HIS C 50 -1.52 -7.67 5.42
CA HIS C 50 -2.91 -7.81 4.93
C HIS C 50 -3.71 -8.51 6.01
N MET C 51 -4.93 -8.04 6.22
CA MET C 51 -5.83 -8.51 7.28
C MET C 51 -6.88 -9.39 6.61
N ILE C 52 -7.11 -10.56 7.20
CA ILE C 52 -8.27 -11.41 6.86
C ILE C 52 -9.18 -11.36 8.07
N ASP C 53 -10.31 -10.67 7.92
CA ASP C 53 -11.29 -10.38 8.99
C ASP C 53 -10.76 -9.28 9.95
N THR C 54 -11.65 -8.40 10.30
CA THR C 54 -11.30 -7.43 11.37
C THR C 54 -11.54 -8.09 12.72
N PRO C 55 -10.79 -7.66 13.76
CA PRO C 55 -11.13 -7.97 15.14
C PRO C 55 -12.57 -7.55 15.43
N TRP C 56 -13.13 -8.16 16.47
CA TRP C 56 -14.57 -8.11 16.82
C TRP C 56 -14.94 -6.79 17.50
N THR C 57 -13.97 -6.01 17.99
CA THR C 57 -14.21 -4.71 18.66
C THR C 57 -13.24 -3.68 18.05
N THR C 58 -13.49 -2.39 18.29
CA THR C 58 -12.62 -1.33 17.74
C THR C 58 -11.33 -1.29 18.56
N GLN C 59 -11.40 -1.58 19.84
CA GLN C 59 -10.17 -1.65 20.66
C GLN C 59 -9.26 -2.73 20.06
N GLY C 60 -9.82 -3.90 19.75
CA GLY C 60 -9.11 -5.03 19.11
C GLY C 60 -8.46 -4.58 17.80
N THR C 61 -9.21 -3.88 16.96
CA THR C 61 -8.71 -3.43 15.64
C THR C 61 -7.59 -2.43 15.85
N LYS C 62 -7.74 -1.52 16.80
CA LYS C 62 -6.71 -0.50 17.09
C LYS C 62 -5.43 -1.20 17.54
N GLN C 63 -5.54 -2.17 18.45
CA GLN C 63 -4.36 -2.89 18.98
C GLN C 63 -3.75 -3.75 17.87
N LEU C 64 -4.56 -4.30 16.98
CA LEU C 64 -4.01 -5.13 15.90
C LEU C 64 -3.15 -4.26 14.97
N ILE C 65 -3.69 -3.12 14.53
CA ILE C 65 -3.00 -2.15 13.63
C ILE C 65 -1.70 -1.73 14.30
N GLU C 66 -1.74 -1.49 15.61
CA GLU C 66 -0.54 -1.03 16.36
C GLU C 66 0.51 -2.14 16.38
N TRP C 67 0.09 -3.40 16.59
CA TRP C 67 0.98 -4.60 16.57
C TRP C 67 1.70 -4.70 15.22
N ILE C 68 0.95 -4.57 14.13
CA ILE C 68 1.48 -4.72 12.75
C ILE C 68 2.50 -3.61 12.48
N GLU C 69 2.15 -2.39 12.82
CA GLU C 69 3.01 -1.21 12.59
C GLU C 69 4.23 -1.31 13.50
N ALA C 70 4.12 -1.90 14.70
CA ALA C 70 5.24 -2.06 15.65
C ALA C 70 6.26 -3.04 15.05
N LYS C 71 5.79 -4.02 14.27
CA LYS C 71 6.67 -5.03 13.58
C LYS C 71 7.36 -4.40 12.35
N GLY C 72 7.06 -3.15 12.02
CA GLY C 72 7.75 -2.41 10.93
C GLY C 72 7.10 -2.67 9.58
N LEU C 73 5.79 -2.97 9.60
CA LEU C 73 4.98 -3.34 8.41
C LEU C 73 3.91 -2.29 8.16
N THR C 74 3.51 -2.16 6.90
CA THR C 74 2.40 -1.30 6.42
C THR C 74 1.19 -2.18 6.06
N ILE C 75 0.04 -1.89 6.65
CA ILE C 75 -1.23 -2.57 6.28
C ILE C 75 -1.69 -2.01 4.94
N LYS C 76 -1.72 -2.84 3.90
CA LYS C 76 -2.13 -2.44 2.54
C LYS C 76 -3.60 -2.73 2.32
N SER C 77 -4.15 -3.81 2.90
CA SER C 77 -5.52 -4.21 2.53
C SER C 77 -6.07 -5.22 3.53
N ALA C 78 -7.39 -5.38 3.48
CA ALA C 78 -8.13 -6.30 4.34
C ALA C 78 -9.21 -6.95 3.50
N VAL C 79 -9.48 -8.21 3.77
CA VAL C 79 -10.62 -8.89 3.13
C VAL C 79 -11.53 -9.37 4.25
N VAL C 80 -12.83 -9.28 4.03
CA VAL C 80 -13.83 -9.74 5.03
C VAL C 80 -14.55 -10.96 4.47
N THR C 81 -14.72 -11.99 5.29
CA THR C 81 -15.03 -13.35 4.80
C THR C 81 -16.54 -13.61 4.92
N HIS C 82 -17.28 -12.78 5.69
CA HIS C 82 -18.75 -12.68 5.58
C HIS C 82 -19.24 -11.43 6.29
N PHE C 83 -20.55 -11.18 6.21
CA PHE C 83 -21.19 -9.91 6.61
C PHE C 83 -21.34 -9.81 8.13
N HIS C 84 -21.18 -10.89 8.91
CA HIS C 84 -21.35 -10.80 10.39
C HIS C 84 -20.25 -9.87 10.94
N GLU C 85 -20.53 -9.26 12.10
CA GLU C 85 -19.69 -8.24 12.74
C GLU C 85 -18.33 -8.84 13.13
N ASP C 86 -18.26 -10.14 13.44
CA ASP C 86 -16.98 -10.76 13.83
C ASP C 86 -16.06 -10.88 12.60
N ALA C 87 -16.55 -10.63 11.39
CA ALA C 87 -15.69 -10.60 10.17
C ALA C 87 -15.55 -9.18 9.61
N SER C 88 -16.62 -8.37 9.67
CA SER C 88 -16.84 -7.14 8.89
C SER C 88 -16.95 -5.92 9.82
N GLY C 89 -16.88 -6.14 11.14
CA GLY C 89 -17.09 -5.12 12.19
C GLY C 89 -16.38 -3.78 11.90
N ASP C 90 -15.09 -3.78 11.58
CA ASP C 90 -14.29 -2.51 11.60
C ASP C 90 -13.97 -2.02 10.19
N ILE C 91 -14.76 -2.41 9.20
CA ILE C 91 -14.77 -1.81 7.84
C ILE C 91 -14.71 -0.29 7.95
N PRO C 92 -15.59 0.40 8.73
CA PRO C 92 -15.55 1.86 8.79
C PRO C 92 -14.20 2.42 9.24
N LEU C 93 -13.58 1.83 10.27
CA LEU C 93 -12.24 2.32 10.72
C LEU C 93 -11.21 2.08 9.62
N LEU C 94 -11.18 0.88 9.00
CA LEU C 94 -10.18 0.58 7.95
C LEU C 94 -10.36 1.56 6.77
N ASN C 95 -11.60 1.78 6.35
CA ASN C 95 -11.90 2.73 5.23
C ASN C 95 -11.44 4.14 5.61
N ASP C 96 -11.68 4.56 6.85
CA ASP C 96 -11.29 5.92 7.33
C ASP C 96 -9.75 6.07 7.33
N LEU C 97 -9.04 4.98 7.61
CA LEU C 97 -7.55 4.92 7.58
C LEU C 97 -7.03 4.71 6.16
N LYS C 98 -7.94 4.62 5.18
CA LYS C 98 -7.60 4.45 3.75
C LYS C 98 -6.88 3.10 3.54
N ILE C 99 -7.20 2.11 4.36
CA ILE C 99 -6.79 0.70 4.11
C ILE C 99 -7.88 0.11 3.22
N LYS C 100 -7.51 -0.33 2.01
CA LYS C 100 -8.43 -0.94 1.02
C LYS C 100 -9.11 -2.14 1.69
N THR C 101 -10.44 -2.16 1.68
CA THR C 101 -11.24 -3.29 2.23
C THR C 101 -11.92 -4.01 1.07
N TYR C 102 -11.86 -5.34 1.07
CA TYR C 102 -12.40 -6.17 -0.02
C TYR C 102 -13.54 -7.02 0.55
N ALA C 103 -14.64 -7.08 -0.18
CA ALA C 103 -15.77 -7.97 0.13
C ALA C 103 -16.42 -8.37 -1.20
N THR C 104 -17.07 -9.52 -1.23
CA THR C 104 -17.87 -9.91 -2.41
C THR C 104 -19.02 -8.91 -2.59
N SER C 105 -19.49 -8.84 -3.83
CA SER C 105 -20.74 -8.13 -4.20
C SER C 105 -21.88 -8.56 -3.27
N LEU C 106 -22.01 -9.86 -2.96
CA LEU C 106 -23.14 -10.36 -2.14
C LEU C 106 -22.93 -9.91 -0.69
N THR C 107 -21.72 -10.01 -0.17
CA THR C 107 -21.39 -9.51 1.19
C THR C 107 -21.81 -8.03 1.32
N ASN C 108 -21.45 -7.18 0.37
CA ASN C 108 -21.79 -5.74 0.40
C ASN C 108 -23.32 -5.52 0.33
N LYS C 109 -24.05 -6.30 -0.47
CA LYS C 109 -25.55 -6.23 -0.47
C LYS C 109 -26.10 -6.55 0.94
N LEU C 110 -25.57 -7.58 1.63
CA LEU C 110 -26.05 -7.96 2.99
C LEU C 110 -25.63 -6.93 4.04
N LEU C 111 -24.42 -6.37 3.94
CA LEU C 111 -24.03 -5.23 4.79
C LEU C 111 -25.04 -4.08 4.62
N LYS C 112 -25.31 -3.66 3.38
CA LYS C 112 -26.27 -2.55 3.11
C LYS C 112 -27.66 -2.90 3.67
N LEU C 113 -28.13 -4.14 3.52
CA LEU C 113 -29.48 -4.52 4.00
C LEU C 113 -29.53 -4.44 5.53
N ASN C 114 -28.38 -4.54 6.19
CA ASN C 114 -28.26 -4.48 7.66
C ASN C 114 -27.70 -3.12 8.09
N GLN C 115 -27.78 -2.12 7.23
CA GLN C 115 -27.49 -0.71 7.58
C GLN C 115 -26.02 -0.58 8.02
N LYS C 116 -25.10 -1.32 7.38
CA LYS C 116 -23.64 -1.26 7.67
C LYS C 116 -22.92 -0.75 6.42
N GLU C 117 -21.75 -0.16 6.66
CA GLU C 117 -20.86 0.39 5.61
C GLU C 117 -20.32 -0.77 4.76
N VAL C 118 -20.28 -0.56 3.45
CA VAL C 118 -19.76 -1.56 2.48
C VAL C 118 -18.25 -1.41 2.37
N SER C 119 -17.59 -2.42 1.80
CA SER C 119 -16.13 -2.38 1.56
C SER C 119 -15.84 -1.27 0.54
N SER C 120 -14.59 -0.82 0.49
CA SER C 120 -14.13 0.18 -0.52
C SER C 120 -14.10 -0.48 -1.89
N ASP C 121 -13.77 -1.78 -1.94
CA ASP C 121 -13.47 -2.49 -3.20
C ASP C 121 -14.21 -3.83 -3.20
N GLU C 122 -14.76 -4.20 -4.35
CA GLU C 122 -15.71 -5.33 -4.47
C GLU C 122 -15.02 -6.50 -5.19
N ILE C 123 -15.25 -7.72 -4.69
CA ILE C 123 -14.87 -8.97 -5.37
C ILE C 123 -16.09 -9.38 -6.20
N SER C 124 -15.95 -9.36 -7.53
CA SER C 124 -17.05 -9.72 -8.47
C SER C 124 -16.75 -11.05 -9.19
N SER C 125 -15.66 -11.75 -8.87
CA SER C 125 -15.25 -13.05 -9.46
C SER C 125 -15.10 -14.12 -8.36
N ASN C 126 -15.32 -15.40 -8.66
CA ASN C 126 -15.57 -16.45 -7.64
C ASN C 126 -14.24 -16.92 -7.08
N THR C 127 -13.16 -16.71 -7.84
CA THR C 127 -11.76 -16.80 -7.37
C THR C 127 -11.12 -15.44 -7.64
N PHE C 128 -10.40 -14.93 -6.66
CA PHE C 128 -9.90 -13.54 -6.67
C PHE C 128 -8.54 -13.57 -6.01
N GLU C 129 -7.53 -12.99 -6.66
CA GLU C 129 -6.13 -12.98 -6.15
C GLU C 129 -6.02 -11.80 -5.17
N PHE C 130 -6.24 -12.07 -3.89
CA PHE C 130 -6.22 -11.05 -2.82
C PHE C 130 -4.79 -10.50 -2.65
N ILE C 131 -3.77 -11.38 -2.59
CA ILE C 131 -2.34 -10.94 -2.58
C ILE C 131 -1.61 -11.71 -3.69
N ASP C 132 -0.99 -10.98 -4.62
CA ASP C 132 -0.30 -11.52 -5.82
C ASP C 132 0.65 -12.65 -5.37
N GLY C 133 0.32 -13.88 -5.77
CA GLY C 133 1.14 -15.10 -5.56
C GLY C 133 1.13 -15.54 -4.11
N VAL C 134 0.25 -14.99 -3.27
CA VAL C 134 0.28 -15.23 -1.79
C VAL C 134 -1.09 -15.70 -1.26
N ALA C 135 -2.20 -15.07 -1.69
CA ALA C 135 -3.52 -15.34 -1.11
C ALA C 135 -4.58 -15.34 -2.21
N SER C 136 -5.38 -16.42 -2.22
CA SER C 136 -6.52 -16.59 -3.14
C SER C 136 -7.84 -16.67 -2.36
N VAL C 137 -8.81 -15.85 -2.78
CA VAL C 137 -10.19 -15.87 -2.26
C VAL C 137 -11.01 -16.80 -3.15
N PHE C 138 -11.75 -17.71 -2.52
CA PHE C 138 -12.69 -18.66 -3.17
C PHE C 138 -14.05 -18.59 -2.50
N TYR C 139 -15.10 -18.35 -3.27
CA TYR C 139 -16.50 -18.45 -2.85
C TYR C 139 -16.98 -19.88 -3.13
N PRO C 140 -17.23 -20.73 -2.12
CA PRO C 140 -17.60 -22.13 -2.39
C PRO C 140 -19.11 -22.39 -2.45
N GLY C 141 -19.94 -21.39 -2.13
CA GLY C 141 -21.39 -21.56 -1.99
C GLY C 141 -21.83 -21.31 -0.57
N ALA C 142 -23.13 -21.33 -0.33
CA ALA C 142 -23.70 -20.99 0.99
C ALA C 142 -23.23 -22.01 2.02
N GLY C 143 -23.14 -21.57 3.27
CA GLY C 143 -22.95 -22.44 4.43
C GLY C 143 -23.43 -21.78 5.69
N HIS C 144 -22.49 -21.36 6.52
CA HIS C 144 -22.76 -20.53 7.73
C HIS C 144 -23.60 -19.31 7.33
N THR C 145 -23.26 -18.71 6.20
CA THR C 145 -24.04 -17.62 5.55
C THR C 145 -24.03 -17.87 4.05
N GLU C 146 -24.90 -17.14 3.33
CA GLU C 146 -25.02 -17.25 1.85
C GLU C 146 -23.76 -16.70 1.19
N ASP C 147 -23.03 -15.79 1.85
CA ASP C 147 -21.92 -15.02 1.22
C ASP C 147 -20.52 -15.52 1.62
N ASN C 148 -20.40 -16.49 2.53
CA ASN C 148 -19.10 -16.83 3.18
C ASN C 148 -18.04 -17.24 2.14
N ILE C 149 -16.83 -16.69 2.27
CA ILE C 149 -15.69 -17.01 1.39
C ILE C 149 -14.55 -17.62 2.24
N VAL C 150 -13.68 -18.39 1.60
CA VAL C 150 -12.43 -18.89 2.22
C VAL C 150 -11.24 -18.22 1.57
N VAL C 151 -10.11 -18.24 2.26
CA VAL C 151 -8.84 -17.68 1.78
C VAL C 151 -7.77 -18.75 1.89
N TRP C 152 -7.18 -19.05 0.75
CA TRP C 152 -6.07 -20.02 0.60
C TRP C 152 -4.72 -19.29 0.51
N LEU C 153 -3.76 -19.73 1.32
CA LEU C 153 -2.35 -19.24 1.29
C LEU C 153 -1.47 -20.39 0.81
N PRO C 154 -1.24 -20.51 -0.52
CA PRO C 154 -0.56 -21.68 -1.10
C PRO C 154 0.90 -21.90 -0.63
N ASN C 155 1.64 -20.82 -0.37
CA ASN C 155 3.08 -20.92 0.04
C ASN C 155 3.16 -21.46 1.47
N GLU C 156 2.13 -21.27 2.29
CA GLU C 156 2.12 -21.78 3.69
C GLU C 156 1.22 -23.00 3.83
N LYS C 157 0.40 -23.31 2.83
CA LYS C 157 -0.66 -24.35 2.91
C LYS C 157 -1.55 -24.11 4.14
N ILE C 158 -1.93 -22.86 4.35
CA ILE C 158 -2.94 -22.46 5.36
C ILE C 158 -4.21 -22.05 4.62
N LEU C 159 -5.33 -22.64 5.04
CA LEU C 159 -6.68 -22.26 4.56
C LEU C 159 -7.39 -21.56 5.70
N PHE C 160 -7.76 -20.30 5.48
CA PHE C 160 -8.66 -19.57 6.40
C PHE C 160 -10.08 -19.95 6.05
N GLY C 161 -10.70 -20.78 6.89
CA GLY C 161 -12.09 -21.24 6.65
C GLY C 161 -13.10 -20.24 7.16
N GLY C 162 -12.76 -19.52 8.24
CA GLY C 162 -13.68 -18.60 8.92
C GLY C 162 -14.89 -19.37 9.42
N CYS C 163 -16.05 -18.74 9.52
CA CYS C 163 -17.18 -19.33 10.28
C CYS C 163 -17.88 -20.40 9.43
N PHE C 164 -17.45 -20.55 8.18
CA PHE C 164 -17.82 -21.63 7.26
C PHE C 164 -17.25 -22.97 7.76
N VAL C 165 -16.20 -22.95 8.58
CA VAL C 165 -15.53 -24.19 9.09
C VAL C 165 -15.69 -24.23 10.60
N LYS C 166 -16.05 -25.40 11.15
CA LYS C 166 -16.17 -25.54 12.62
C LYS C 166 -14.89 -26.21 13.12
N SER C 167 -14.50 -25.92 14.36
CA SER C 167 -13.39 -26.62 15.07
C SER C 167 -13.80 -28.07 15.40
N LEU C 168 -12.83 -28.93 15.66
CA LEU C 168 -13.02 -30.39 15.94
C LEU C 168 -13.89 -30.57 17.20
N LYS C 169 -13.78 -29.68 18.17
CA LYS C 169 -14.53 -29.79 19.44
C LYS C 169 -15.95 -29.24 19.31
N ASN C 170 -16.28 -28.59 18.21
CA ASN C 170 -17.66 -28.09 18.02
C ASN C 170 -18.52 -29.31 17.67
N LYS C 171 -19.63 -29.50 18.37
CA LYS C 171 -20.50 -30.67 18.07
C LYS C 171 -21.76 -30.22 17.34
N ASN C 172 -21.86 -28.92 17.05
CA ASN C 172 -22.96 -28.40 16.16
C ASN C 172 -22.49 -27.16 15.38
N LEU C 173 -23.35 -26.60 14.52
CA LEU C 173 -22.99 -25.55 13.54
C LEU C 173 -23.03 -24.16 14.18
N GLY C 174 -23.42 -24.07 15.45
CA GLY C 174 -23.64 -22.77 16.12
C GLY C 174 -24.85 -22.04 15.52
N TYR C 175 -24.77 -20.72 15.40
CA TYR C 175 -25.86 -19.85 14.89
C TYR C 175 -26.11 -20.15 13.42
N THR C 176 -27.31 -20.65 13.09
CA THR C 176 -27.71 -21.04 11.71
C THR C 176 -28.89 -20.18 11.21
N GLY C 177 -29.17 -19.05 11.87
CA GLY C 177 -30.21 -18.09 11.45
C GLY C 177 -29.99 -17.62 10.02
N ASP C 178 -28.72 -17.51 9.61
CA ASP C 178 -28.31 -16.95 8.29
C ASP C 178 -27.78 -18.07 7.40
N ALA C 179 -27.85 -19.31 7.86
CA ALA C 179 -27.14 -20.45 7.26
C ALA C 179 -28.03 -21.14 6.21
N ASN C 180 -27.37 -21.79 5.26
CA ASN C 180 -28.01 -22.71 4.29
C ASN C 180 -27.48 -24.13 4.58
N ILE C 181 -28.10 -24.79 5.55
CA ILE C 181 -27.73 -26.16 6.02
C ILE C 181 -27.73 -27.12 4.83
N SER C 182 -28.70 -26.96 3.94
CA SER C 182 -28.92 -27.83 2.75
C SER C 182 -27.72 -27.75 1.81
N GLU C 183 -27.19 -26.55 1.58
CA GLU C 183 -26.08 -26.36 0.61
C GLU C 183 -24.74 -26.61 1.29
N TRP C 184 -24.63 -26.44 2.61
CA TRP C 184 -23.33 -26.36 3.32
C TRP C 184 -22.46 -27.58 3.04
N PRO C 185 -22.98 -28.84 3.09
CA PRO C 185 -22.19 -30.00 2.68
C PRO C 185 -21.59 -29.98 1.27
N ASN C 186 -22.33 -29.49 0.27
CA ASN C 186 -21.82 -29.44 -1.12
C ASN C 186 -20.78 -28.32 -1.25
N SER C 187 -21.02 -27.19 -0.57
CA SER C 187 -20.06 -26.05 -0.57
C SER C 187 -18.74 -26.53 0.04
N MET C 188 -18.81 -27.23 1.16
CA MET C 188 -17.63 -27.82 1.87
C MET C 188 -16.90 -28.82 0.95
N GLN C 189 -17.63 -29.63 0.18
CA GLN C 189 -17.00 -30.63 -0.71
C GLN C 189 -16.14 -29.89 -1.73
N LYS C 190 -16.58 -28.73 -2.22
CA LYS C 190 -15.81 -27.97 -3.22
C LYS C 190 -14.49 -27.52 -2.58
N VAL C 191 -14.50 -27.18 -1.30
CA VAL C 191 -13.27 -26.70 -0.59
C VAL C 191 -12.35 -27.91 -0.38
N ILE C 192 -12.91 -29.05 0.04
CA ILE C 192 -12.16 -30.33 0.19
C ILE C 192 -11.50 -30.63 -1.16
N ASN C 193 -12.27 -30.59 -2.25
CA ASN C 193 -11.76 -30.94 -3.60
C ASN C 193 -10.66 -29.98 -4.00
N ARG C 194 -10.78 -28.71 -3.61
CA ARG C 194 -9.88 -27.66 -4.14
C ARG C 194 -8.55 -27.65 -3.38
N TYR C 195 -8.54 -28.00 -2.09
CA TYR C 195 -7.35 -27.80 -1.21
C TYR C 195 -6.97 -29.11 -0.53
N PRO C 196 -6.66 -30.19 -1.28
CA PRO C 196 -6.20 -31.45 -0.67
C PRO C 196 -4.86 -31.30 0.09
N ASP C 197 -4.04 -30.29 -0.23
CA ASP C 197 -2.68 -30.05 0.33
C ASP C 197 -2.71 -29.06 1.50
N ALA C 198 -3.88 -28.68 2.02
CA ALA C 198 -3.93 -27.79 3.20
C ALA C 198 -3.31 -28.53 4.39
N LYS C 199 -2.37 -27.88 5.09
CA LYS C 199 -1.70 -28.40 6.32
C LYS C 199 -2.42 -27.88 7.56
N LEU C 200 -2.92 -26.65 7.47
CA LEU C 200 -3.57 -25.92 8.58
C LEU C 200 -4.89 -25.34 8.08
N VAL C 201 -5.95 -25.48 8.87
CA VAL C 201 -7.29 -24.94 8.60
C VAL C 201 -7.66 -24.12 9.84
N VAL C 202 -7.93 -22.83 9.64
CA VAL C 202 -8.30 -21.89 10.72
C VAL C 202 -9.81 -21.71 10.67
N PRO C 203 -10.56 -22.14 11.71
CA PRO C 203 -11.99 -21.86 11.79
C PRO C 203 -12.16 -20.46 12.38
N GLY C 204 -13.39 -19.93 12.31
CA GLY C 204 -13.72 -18.58 12.75
C GLY C 204 -13.75 -18.47 14.26
N HIS C 205 -13.99 -19.61 14.93
CA HIS C 205 -13.97 -19.75 16.41
C HIS C 205 -13.38 -21.13 16.73
N GLY C 206 -12.61 -21.22 17.80
CA GLY C 206 -12.03 -22.48 18.28
C GLY C 206 -10.64 -22.72 17.75
N GLU C 207 -10.13 -23.95 17.96
CA GLU C 207 -8.71 -24.28 17.73
C GLU C 207 -8.45 -24.56 16.26
N VAL C 208 -7.29 -24.12 15.77
CA VAL C 208 -6.78 -24.45 14.41
C VAL C 208 -6.56 -25.96 14.36
N GLY C 209 -6.86 -26.57 13.24
CA GLY C 209 -6.51 -27.98 12.98
C GLY C 209 -5.95 -28.16 11.59
N ASP C 210 -6.03 -29.40 11.14
CA ASP C 210 -5.58 -29.79 9.79
C ASP C 210 -6.84 -29.89 8.93
N VAL C 211 -6.72 -30.55 7.79
CA VAL C 211 -7.81 -30.63 6.78
C VAL C 211 -9.03 -31.40 7.34
N SER C 212 -8.89 -32.14 8.43
CA SER C 212 -10.00 -32.91 9.06
C SER C 212 -11.15 -31.99 9.46
N LEU C 213 -10.87 -30.71 9.75
CA LEU C 213 -11.94 -29.73 10.09
C LEU C 213 -12.94 -29.65 8.94
N LEU C 214 -12.48 -29.79 7.70
CA LEU C 214 -13.38 -29.65 6.54
C LEU C 214 -14.41 -30.80 6.58
N LYS C 215 -13.95 -32.05 6.64
CA LYS C 215 -14.81 -33.28 6.70
C LYS C 215 -15.69 -33.20 7.96
N HIS C 216 -15.16 -32.78 9.11
CA HIS C 216 -15.94 -32.61 10.37
C HIS C 216 -17.10 -31.62 10.17
N THR C 217 -16.88 -30.48 9.52
CA THR C 217 -17.96 -29.47 9.29
C THR C 217 -19.05 -30.10 8.41
N GLN C 218 -18.65 -30.82 7.36
CA GLN C 218 -19.55 -31.48 6.39
C GLN C 218 -20.44 -32.48 7.15
N ALA C 219 -19.82 -33.29 8.01
CA ALA C 219 -20.46 -34.29 8.89
C ALA C 219 -21.53 -33.60 9.75
N LEU C 220 -21.18 -32.49 10.41
CA LEU C 220 -22.13 -31.71 11.27
C LEU C 220 -23.29 -31.23 10.38
N ALA C 221 -23.03 -30.78 9.16
CA ALA C 221 -24.06 -30.17 8.29
C ALA C 221 -25.05 -31.26 7.83
N LEU C 222 -24.52 -32.43 7.45
CA LEU C 222 -25.32 -33.62 7.02
C LEU C 222 -26.23 -34.11 8.15
N SER C 223 -25.75 -34.13 9.40
CA SER C 223 -26.56 -34.54 10.59
C SER C 223 -27.67 -33.52 10.85
N ALA C 224 -27.34 -32.22 10.86
CA ALA C 224 -28.30 -31.13 11.10
C ALA C 224 -29.45 -31.24 10.09
N ALA C 225 -29.13 -31.56 8.83
CA ALA C 225 -30.11 -31.72 7.73
C ALA C 225 -31.08 -32.87 8.03
N ALA C 226 -30.56 -34.06 8.31
CA ALA C 226 -31.33 -35.33 8.36
C ALA C 226 -31.65 -35.69 9.82
N GLY D 8 7.78 15.19 13.36
CA GLY D 8 6.74 14.14 13.44
C GLY D 8 6.58 13.38 12.14
N THR D 9 5.36 13.28 11.63
CA THR D 9 5.12 12.55 10.37
C THR D 9 4.41 13.46 9.37
N LYS D 10 4.15 12.94 8.18
CA LYS D 10 3.41 13.67 7.11
C LYS D 10 2.00 14.03 7.59
N GLU D 11 1.41 13.26 8.51
CA GLU D 11 -0.03 13.37 8.88
C GLU D 11 -0.22 14.14 10.19
N LEU D 12 0.79 14.11 11.08
CA LEU D 12 0.69 14.67 12.45
C LEU D 12 2.03 15.20 12.94
N LYS D 13 2.05 16.41 13.51
CA LYS D 13 3.21 16.93 14.26
C LYS D 13 2.69 17.52 15.58
N LEU D 14 3.45 17.32 16.65
CA LEU D 14 3.17 17.86 18.01
C LEU D 14 4.19 18.96 18.33
N LYS D 15 3.73 20.12 18.82
CA LYS D 15 4.59 21.25 19.27
C LYS D 15 4.27 21.55 20.74
N LYS D 16 5.29 21.54 21.58
CA LYS D 16 5.14 21.82 23.03
C LYS D 16 4.89 23.32 23.16
N LEU D 17 3.76 23.72 23.78
CA LEU D 17 3.47 25.14 24.08
C LEU D 17 3.85 25.45 25.53
N SER D 18 3.72 24.47 26.43
CA SER D 18 4.09 24.55 27.87
C SER D 18 4.15 23.13 28.42
N ASP D 19 4.46 22.98 29.71
CA ASP D 19 4.65 21.67 30.39
C ASP D 19 3.45 20.75 30.10
N ASN D 20 2.23 21.28 30.15
CA ASN D 20 1.00 20.43 30.15
C ASN D 20 0.19 20.65 28.87
N VAL D 21 0.71 21.42 27.91
CA VAL D 21 -0.08 21.84 26.72
C VAL D 21 0.74 21.63 25.47
N TYR D 22 0.19 20.84 24.57
CA TYR D 22 0.83 20.59 23.26
C TYR D 22 -0.16 20.97 22.17
N GLN D 23 0.38 21.49 21.08
CA GLN D 23 -0.37 21.78 19.84
C GLN D 23 -0.22 20.55 18.97
N HIS D 24 -1.33 20.02 18.43
CA HIS D 24 -1.31 18.98 17.38
C HIS D 24 -1.71 19.63 16.07
N ILE D 25 -0.90 19.37 15.04
CA ILE D 25 -1.09 19.88 13.67
C ILE D 25 -1.26 18.68 12.74
N SER D 26 -2.42 18.58 12.11
CA SER D 26 -2.77 17.47 11.20
C SER D 26 -3.01 18.08 9.82
N TYR D 27 -2.69 17.31 8.80
CA TYR D 27 -2.67 17.79 7.39
C TYR D 27 -3.68 16.98 6.60
N LYS D 28 -4.38 17.69 5.71
CA LYS D 28 -5.32 17.12 4.71
C LYS D 28 -5.18 17.90 3.39
N ARG D 29 -5.34 17.19 2.28
CA ARG D 29 -5.26 17.78 0.92
C ARG D 29 -6.60 18.46 0.64
N VAL D 30 -6.58 19.77 0.42
CA VAL D 30 -7.80 20.57 0.10
C VAL D 30 -7.50 21.47 -1.11
N GLU D 31 -8.23 21.34 -2.20
CA GLU D 31 -7.97 22.14 -3.43
C GLU D 31 -8.54 23.54 -3.20
N PRO D 32 -7.92 24.62 -3.74
CA PRO D 32 -6.70 24.56 -4.55
C PRO D 32 -5.39 24.68 -3.75
N TRP D 33 -5.46 24.47 -2.45
CA TRP D 33 -4.34 24.82 -1.54
C TRP D 33 -3.26 23.74 -1.38
N GLY D 34 -3.53 22.54 -1.83
CA GLY D 34 -2.67 21.36 -1.59
C GLY D 34 -2.81 20.83 -0.16
N LEU D 35 -1.69 20.40 0.42
CA LEU D 35 -1.60 19.89 1.82
C LEU D 35 -1.57 21.10 2.76
N ILE D 36 -2.55 21.22 3.65
CA ILE D 36 -2.67 22.34 4.63
C ILE D 36 -2.93 21.75 6.02
N GLY D 37 -2.60 22.55 7.04
CA GLY D 37 -2.60 22.15 8.44
C GLY D 37 -3.87 22.58 9.14
N ALA D 38 -4.27 21.81 10.16
CA ALA D 38 -5.29 22.18 11.17
C ALA D 38 -4.67 21.96 12.55
N SER D 39 -4.98 22.85 13.48
CA SER D 39 -4.46 22.86 14.87
C SER D 39 -5.56 22.45 15.85
N GLY D 40 -5.17 21.65 16.84
CA GLY D 40 -5.90 21.44 18.09
C GLY D 40 -4.86 21.44 19.20
N LEU D 41 -5.27 21.06 20.40
CA LEU D 41 -4.40 21.03 21.58
C LEU D 41 -4.58 19.68 22.27
N VAL D 42 -3.54 19.26 22.96
CA VAL D 42 -3.60 18.17 23.97
C VAL D 42 -3.28 18.81 25.31
N VAL D 43 -4.16 18.62 26.28
CA VAL D 43 -3.97 19.17 27.65
C VAL D 43 -3.78 17.99 28.59
N ILE D 44 -2.62 17.95 29.25
CA ILE D 44 -2.21 16.85 30.17
C ILE D 44 -2.56 17.29 31.59
N ASN D 45 -3.38 16.47 32.26
CA ASN D 45 -3.77 16.61 33.70
C ASN D 45 -3.21 15.41 34.47
N GLY D 46 -1.95 15.49 34.91
CA GLY D 46 -1.33 14.37 35.64
C GLY D 46 -1.10 13.17 34.75
N THR D 47 -1.90 12.13 34.91
CA THR D 47 -1.76 10.91 34.09
C THR D 47 -2.83 10.96 33.00
N GLU D 48 -3.64 12.01 33.01
CA GLU D 48 -4.83 12.05 32.11
C GLU D 48 -4.57 13.08 31.01
N ALA D 49 -4.90 12.73 29.76
CA ALA D 49 -4.75 13.63 28.59
C ALA D 49 -6.14 13.96 28.05
N HIS D 50 -6.29 15.18 27.54
CA HIS D 50 -7.56 15.68 26.94
C HIS D 50 -7.27 16.26 25.57
N MET D 51 -8.18 16.03 24.63
CA MET D 51 -8.05 16.50 23.24
C MET D 51 -8.94 17.73 23.06
N ILE D 52 -8.37 18.84 22.61
CA ILE D 52 -9.16 19.99 22.10
C ILE D 52 -9.12 19.93 20.57
N ASP D 53 -10.26 19.54 19.97
CA ASP D 53 -10.46 19.17 18.54
C ASP D 53 -9.77 17.83 18.28
N THR D 54 -10.34 17.05 17.36
CA THR D 54 -9.70 15.85 16.76
C THR D 54 -8.88 16.30 15.58
N PRO D 55 -7.74 15.65 15.27
CA PRO D 55 -7.07 15.82 13.98
C PRO D 55 -8.03 15.73 12.79
N TRP D 56 -7.57 16.27 11.67
CA TRP D 56 -8.33 16.44 10.42
C TRP D 56 -8.53 15.10 9.69
N THR D 57 -7.68 14.11 9.94
CA THR D 57 -7.78 12.76 9.29
C THR D 57 -7.77 11.69 10.38
N THR D 58 -8.36 10.54 10.11
CA THR D 58 -8.40 9.41 11.08
C THR D 58 -6.97 8.91 11.31
N GLN D 59 -6.13 9.02 10.30
CA GLN D 59 -4.69 8.66 10.40
C GLN D 59 -4.06 9.59 11.46
N GLY D 60 -4.33 10.88 11.36
CA GLY D 60 -3.84 11.84 12.37
C GLY D 60 -4.36 11.49 13.76
N THR D 61 -5.64 11.17 13.92
CA THR D 61 -6.25 10.88 15.24
C THR D 61 -5.61 9.62 15.84
N LYS D 62 -5.43 8.57 15.04
CA LYS D 62 -4.79 7.30 15.46
C LYS D 62 -3.40 7.60 16.01
N GLN D 63 -2.62 8.39 15.28
CA GLN D 63 -1.22 8.74 15.62
C GLN D 63 -1.21 9.61 16.88
N LEU D 64 -2.18 10.51 17.05
CA LEU D 64 -2.24 11.35 18.28
C LEU D 64 -2.53 10.45 19.48
N ILE D 65 -3.45 9.51 19.34
CA ILE D 65 -3.76 8.53 20.43
C ILE D 65 -2.47 7.77 20.79
N GLU D 66 -1.75 7.27 19.79
CA GLU D 66 -0.49 6.48 19.97
C GLU D 66 0.57 7.37 20.63
N TRP D 67 0.71 8.62 20.21
CA TRP D 67 1.65 9.60 20.81
C TRP D 67 1.32 9.82 22.30
N ILE D 68 0.04 10.04 22.65
CA ILE D 68 -0.41 10.25 24.05
C ILE D 68 -0.16 8.97 24.89
N GLU D 69 -0.50 7.80 24.36
CA GLU D 69 -0.38 6.50 25.09
C GLU D 69 1.10 6.11 25.22
N ALA D 70 1.96 6.55 24.29
CA ALA D 70 3.42 6.29 24.33
C ALA D 70 4.11 7.15 25.41
N LYS D 71 3.40 8.09 26.02
CA LYS D 71 3.90 8.96 27.14
C LYS D 71 3.36 8.45 28.48
N GLY D 72 2.71 7.28 28.52
CA GLY D 72 2.10 6.69 29.72
C GLY D 72 0.87 7.44 30.20
N LEU D 73 0.13 8.10 29.31
CA LEU D 73 -1.09 8.88 29.65
C LEU D 73 -2.31 8.13 29.13
N THR D 74 -3.48 8.30 29.77
CA THR D 74 -4.79 7.77 29.29
C THR D 74 -5.56 8.94 28.68
N ILE D 75 -6.21 8.75 27.55
CA ILE D 75 -7.03 9.84 26.92
C ILE D 75 -8.41 9.78 27.56
N LYS D 76 -8.71 10.74 28.41
CA LYS D 76 -9.93 10.79 29.25
C LYS D 76 -11.08 11.38 28.42
N SER D 77 -10.83 12.44 27.67
CA SER D 77 -11.94 13.09 26.92
C SER D 77 -11.40 13.98 25.81
N ALA D 78 -12.31 14.37 24.93
CA ALA D 78 -12.09 15.28 23.79
C ALA D 78 -13.24 16.30 23.77
N VAL D 79 -12.92 17.58 23.55
CA VAL D 79 -13.95 18.60 23.22
C VAL D 79 -13.74 19.05 21.78
N VAL D 80 -14.84 19.18 21.04
CA VAL D 80 -14.85 19.60 19.60
C VAL D 80 -15.38 21.03 19.57
N THR D 81 -14.72 21.92 18.81
CA THR D 81 -14.97 23.36 18.96
C THR D 81 -15.87 23.85 17.84
N HIS D 82 -16.15 23.02 16.82
CA HIS D 82 -17.25 23.25 15.86
C HIS D 82 -17.48 21.96 15.05
N PHE D 83 -18.53 21.96 14.22
CA PHE D 83 -19.08 20.76 13.55
C PHE D 83 -18.27 20.38 12.31
N HIS D 84 -17.43 21.26 11.76
CA HIS D 84 -16.56 20.88 10.61
C HIS D 84 -15.58 19.75 10.99
N GLU D 85 -15.16 18.97 9.98
CA GLU D 85 -14.36 17.73 10.14
C GLU D 85 -12.99 18.04 10.78
N ASP D 86 -12.46 19.26 10.65
CA ASP D 86 -11.12 19.57 11.21
C ASP D 86 -11.21 19.80 12.71
N ALA D 87 -12.41 19.76 13.28
CA ALA D 87 -12.62 19.84 14.74
C ALA D 87 -13.31 18.57 15.26
N SER D 88 -14.25 18.00 14.51
CA SER D 88 -15.16 16.94 15.02
C SER D 88 -15.06 15.64 14.18
N GLY D 89 -14.15 15.59 13.21
CA GLY D 89 -14.03 14.49 12.23
C GLY D 89 -14.00 13.11 12.88
N ASP D 90 -13.26 12.91 13.97
CA ASP D 90 -13.05 11.54 14.53
C ASP D 90 -13.88 11.31 15.81
N ILE D 91 -14.96 12.04 16.03
CA ILE D 91 -15.97 11.70 17.08
C ILE D 91 -16.30 10.21 17.00
N PRO D 92 -16.64 9.63 15.83
CA PRO D 92 -16.99 8.20 15.80
C PRO D 92 -15.88 7.31 16.37
N LEU D 93 -14.61 7.54 16.00
CA LEU D 93 -13.48 6.68 16.47
C LEU D 93 -13.36 6.84 18.00
N LEU D 94 -13.38 8.06 18.49
CA LEU D 94 -13.32 8.32 19.95
C LEU D 94 -14.50 7.62 20.65
N ASN D 95 -15.73 7.77 20.14
CA ASN D 95 -16.94 7.13 20.75
C ASN D 95 -16.79 5.60 20.78
N ASP D 96 -16.22 5.01 19.72
CA ASP D 96 -16.02 3.55 19.59
C ASP D 96 -14.93 3.08 20.55
N LEU D 97 -14.00 3.95 20.93
CA LEU D 97 -12.92 3.64 21.92
C LEU D 97 -13.39 4.03 23.33
N LYS D 98 -14.63 4.49 23.49
CA LYS D 98 -15.26 4.90 24.79
C LYS D 98 -14.46 6.03 25.43
N ILE D 99 -13.84 6.87 24.61
CA ILE D 99 -13.28 8.17 25.03
C ILE D 99 -14.45 9.17 25.00
N LYS D 100 -14.82 9.73 26.13
CA LYS D 100 -15.91 10.75 26.22
C LYS D 100 -15.63 11.89 25.25
N THR D 101 -16.64 12.26 24.46
CA THR D 101 -16.60 13.41 23.52
C THR D 101 -17.63 14.44 23.98
N TYR D 102 -17.19 15.69 24.07
CA TYR D 102 -18.01 16.85 24.51
C TYR D 102 -18.24 17.75 23.30
N ALA D 103 -19.51 18.06 23.05
CA ALA D 103 -19.92 19.10 22.09
C ALA D 103 -21.16 19.81 22.63
N THR D 104 -21.35 21.05 22.22
CA THR D 104 -22.55 21.86 22.54
C THR D 104 -23.76 21.20 21.87
N SER D 105 -24.96 21.49 22.38
CA SER D 105 -26.24 21.08 21.75
C SER D 105 -26.27 21.53 20.28
N LEU D 106 -25.78 22.74 20.02
CA LEU D 106 -25.83 23.36 18.66
C LEU D 106 -24.91 22.56 17.74
N THR D 107 -23.70 22.25 18.20
CA THR D 107 -22.76 21.41 17.40
C THR D 107 -23.42 20.06 17.08
N ASN D 108 -24.01 19.41 18.07
CA ASN D 108 -24.69 18.10 17.86
C ASN D 108 -25.87 18.25 16.90
N LYS D 109 -26.64 19.34 16.97
CA LYS D 109 -27.75 19.63 16.00
C LYS D 109 -27.18 19.61 14.59
N LEU D 110 -26.10 20.37 14.37
CA LEU D 110 -25.45 20.53 13.05
C LEU D 110 -24.82 19.21 12.62
N LEU D 111 -24.18 18.47 13.55
CA LEU D 111 -23.62 17.14 13.22
C LEU D 111 -24.77 16.24 12.72
N LYS D 112 -25.90 16.20 13.43
CA LYS D 112 -27.06 15.34 13.07
C LYS D 112 -27.55 15.69 11.65
N LEU D 113 -27.78 16.97 11.35
CA LEU D 113 -28.25 17.47 10.03
C LEU D 113 -27.33 16.94 8.91
N ASN D 114 -26.03 16.81 9.19
CA ASN D 114 -25.01 16.40 8.20
C ASN D 114 -24.79 14.87 8.25
N GLN D 115 -25.68 14.14 8.90
CA GLN D 115 -25.65 12.66 9.00
C GLN D 115 -24.32 12.25 9.63
N LYS D 116 -23.99 12.91 10.74
CA LYS D 116 -22.74 12.60 11.47
C LYS D 116 -23.05 12.22 12.91
N GLU D 117 -22.26 11.32 13.49
CA GLU D 117 -22.43 10.89 14.90
C GLU D 117 -22.31 12.12 15.81
N VAL D 118 -23.16 12.16 16.84
CA VAL D 118 -23.15 13.20 17.91
C VAL D 118 -22.13 12.79 18.98
N SER D 119 -21.69 13.76 19.78
CA SER D 119 -20.81 13.57 20.96
C SER D 119 -21.53 12.65 21.95
N SER D 120 -20.78 11.99 22.85
CA SER D 120 -21.33 11.12 23.92
C SER D 120 -21.94 12.00 25.00
N ASP D 121 -21.36 13.19 25.18
CA ASP D 121 -21.65 14.15 26.27
C ASP D 121 -21.96 15.52 25.64
N GLU D 122 -23.05 16.13 26.07
CA GLU D 122 -23.47 17.39 25.45
C GLU D 122 -23.37 18.52 26.46
N ILE D 123 -22.78 19.63 26.06
CA ILE D 123 -22.63 20.88 26.85
C ILE D 123 -23.89 21.72 26.59
N SER D 124 -24.68 21.96 27.61
CA SER D 124 -25.97 22.71 27.46
C SER D 124 -25.83 24.15 27.96
N SER D 125 -24.65 24.53 28.48
CA SER D 125 -24.34 25.88 29.00
C SER D 125 -23.32 26.60 28.11
N ASN D 126 -23.43 27.92 27.98
CA ASN D 126 -22.55 28.77 27.12
C ASN D 126 -21.14 28.88 27.74
N THR D 127 -21.00 28.58 29.04
CA THR D 127 -19.68 28.37 29.70
C THR D 127 -19.69 26.99 30.36
N PHE D 128 -18.56 26.30 30.34
CA PHE D 128 -18.45 24.89 30.79
C PHE D 128 -17.01 24.60 31.25
N GLU D 129 -16.87 24.00 32.43
CA GLU D 129 -15.58 23.47 32.94
C GLU D 129 -15.33 22.10 32.28
N PHE D 130 -14.54 22.11 31.21
CA PHE D 130 -14.13 20.90 30.45
C PHE D 130 -13.17 20.09 31.33
N ILE D 131 -12.17 20.76 31.88
CA ILE D 131 -11.19 20.17 32.83
C ILE D 131 -11.15 21.13 34.03
N ASP D 132 -11.48 20.61 35.21
CA ASP D 132 -11.64 21.41 36.46
C ASP D 132 -10.43 22.29 36.76
N GLY D 133 -10.62 23.61 36.69
CA GLY D 133 -9.57 24.61 36.96
C GLY D 133 -8.45 24.59 35.91
N VAL D 134 -8.61 23.85 34.82
CA VAL D 134 -7.52 23.70 33.79
C VAL D 134 -8.00 24.23 32.43
N ALA D 135 -9.25 23.95 32.05
CA ALA D 135 -9.82 24.30 30.73
C ALA D 135 -11.30 24.69 30.85
N SER D 136 -11.62 25.88 30.35
CA SER D 136 -12.98 26.46 30.34
C SER D 136 -13.42 26.70 28.89
N VAL D 137 -14.64 26.27 28.56
CA VAL D 137 -15.29 26.45 27.24
C VAL D 137 -16.11 27.73 27.29
N PHE D 138 -16.04 28.54 26.23
CA PHE D 138 -16.91 29.73 26.10
C PHE D 138 -17.54 29.79 24.73
N TYR D 139 -18.86 29.92 24.67
CA TYR D 139 -19.59 30.22 23.40
C TYR D 139 -19.71 31.73 23.25
N PRO D 140 -18.97 32.35 22.30
CA PRO D 140 -19.02 33.81 22.11
C PRO D 140 -20.16 34.30 21.20
N GLY D 141 -20.88 33.37 20.56
CA GLY D 141 -21.85 33.65 19.47
C GLY D 141 -21.30 33.21 18.14
N ALA D 142 -22.05 33.42 17.05
CA ALA D 142 -21.75 32.93 15.71
C ALA D 142 -20.54 33.71 15.15
N GLY D 143 -19.76 33.05 14.31
CA GLY D 143 -18.68 33.69 13.53
C GLY D 143 -18.39 32.82 12.33
N HIS D 144 -17.33 32.02 12.40
CA HIS D 144 -16.96 31.02 11.37
C HIS D 144 -18.12 30.03 11.13
N THR D 145 -18.76 29.60 12.20
CA THR D 145 -20.03 28.82 12.20
C THR D 145 -20.96 29.38 13.30
N GLU D 146 -22.20 28.91 13.31
CA GLU D 146 -23.20 29.28 14.33
C GLU D 146 -22.72 28.72 15.69
N ASP D 147 -22.02 27.59 15.69
CA ASP D 147 -21.79 26.76 16.91
C ASP D 147 -20.41 26.99 17.52
N ASN D 148 -19.51 27.75 16.87
CA ASN D 148 -18.09 27.79 17.27
C ASN D 148 -17.91 28.18 18.74
N ILE D 149 -17.03 27.47 19.44
CA ILE D 149 -16.62 27.75 20.84
C ILE D 149 -15.12 27.98 20.87
N VAL D 150 -14.68 28.67 21.90
CA VAL D 150 -13.24 28.78 22.21
C VAL D 150 -13.00 28.06 23.53
N VAL D 151 -11.74 27.79 23.82
CA VAL D 151 -11.33 27.10 25.06
C VAL D 151 -10.16 27.85 25.68
N TRP D 152 -10.32 28.24 26.95
CA TRP D 152 -9.37 29.04 27.77
C TRP D 152 -8.60 28.11 28.71
N LEU D 153 -7.27 28.27 28.77
CA LEU D 153 -6.41 27.52 29.72
C LEU D 153 -5.86 28.55 30.70
N PRO D 154 -6.56 28.81 31.83
CA PRO D 154 -6.24 29.94 32.72
C PRO D 154 -4.82 29.92 33.32
N ASN D 155 -4.24 28.73 33.54
CA ASN D 155 -2.89 28.59 34.14
C ASN D 155 -1.82 29.10 33.16
N GLU D 156 -1.94 28.70 31.88
CA GLU D 156 -0.97 29.04 30.81
C GLU D 156 -1.37 30.36 30.13
N LYS D 157 -2.59 30.86 30.33
CA LYS D 157 -3.10 32.07 29.61
C LYS D 157 -3.12 31.78 28.10
N ILE D 158 -3.48 30.55 27.71
CA ILE D 158 -3.57 30.12 26.29
C ILE D 158 -5.05 30.04 25.95
N LEU D 159 -5.43 30.76 24.89
CA LEU D 159 -6.75 30.74 24.25
C LEU D 159 -6.64 29.91 22.97
N PHE D 160 -7.35 28.79 22.95
CA PHE D 160 -7.63 28.06 21.69
C PHE D 160 -8.83 28.72 21.01
N GLY D 161 -8.59 29.44 19.92
CA GLY D 161 -9.62 30.15 19.16
C GLY D 161 -10.32 29.23 18.17
N GLY D 162 -9.67 28.14 17.78
CA GLY D 162 -10.15 27.29 16.68
C GLY D 162 -10.44 28.13 15.46
N CYS D 163 -11.37 27.72 14.60
CA CYS D 163 -11.55 28.38 13.28
C CYS D 163 -12.34 29.70 13.36
N PHE D 164 -12.88 30.03 14.54
CA PHE D 164 -13.41 31.37 14.89
C PHE D 164 -12.29 32.44 14.81
N VAL D 165 -11.01 32.06 14.93
CA VAL D 165 -9.84 32.99 14.92
C VAL D 165 -8.99 32.68 13.68
N LYS D 166 -8.82 33.67 12.80
CA LYS D 166 -7.90 33.56 11.64
C LYS D 166 -6.47 33.89 12.09
N SER D 167 -5.50 33.52 11.27
CA SER D 167 -4.08 33.82 11.48
C SER D 167 -3.80 35.23 10.95
N LEU D 168 -2.70 35.84 11.39
CA LEU D 168 -2.28 37.22 10.98
C LEU D 168 -2.05 37.29 9.47
N LYS D 169 -1.55 36.22 8.86
CA LYS D 169 -1.24 36.21 7.41
C LYS D 169 -2.53 36.10 6.57
N ASN D 170 -3.66 35.63 7.12
CA ASN D 170 -4.91 35.47 6.32
C ASN D 170 -5.36 36.86 5.86
N LYS D 171 -5.73 36.95 4.59
CA LYS D 171 -6.17 38.20 3.95
C LYS D 171 -7.69 38.21 3.85
N ASN D 172 -8.36 37.13 4.22
CA ASN D 172 -9.83 37.05 4.14
C ASN D 172 -10.29 36.00 5.15
N LEU D 173 -11.58 35.77 5.26
CA LEU D 173 -12.19 34.90 6.29
C LEU D 173 -12.12 33.43 5.87
N GLY D 174 -11.71 33.15 4.63
CA GLY D 174 -11.70 31.78 4.07
C GLY D 174 -13.12 31.31 3.78
N TYR D 175 -13.43 30.04 4.07
CA TYR D 175 -14.77 29.47 3.74
C TYR D 175 -15.82 30.09 4.65
N THR D 176 -16.78 30.84 4.09
CA THR D 176 -17.86 31.53 4.84
C THR D 176 -19.22 30.86 4.56
N GLY D 177 -19.26 29.70 3.93
CA GLY D 177 -20.53 28.98 3.63
C GLY D 177 -21.39 28.74 4.87
N ASP D 178 -20.79 28.54 6.05
CA ASP D 178 -21.56 28.30 7.30
C ASP D 178 -21.41 29.49 8.26
N ALA D 179 -20.85 30.63 7.81
CA ALA D 179 -20.47 31.74 8.72
C ALA D 179 -21.61 32.73 8.89
N ASN D 180 -21.53 33.50 9.99
CA ASN D 180 -22.38 34.68 10.26
C ASN D 180 -21.47 35.91 10.31
N ILE D 181 -21.26 36.54 9.14
CA ILE D 181 -20.28 37.63 8.99
C ILE D 181 -20.72 38.83 9.86
N SER D 182 -22.01 39.10 9.92
CA SER D 182 -22.54 40.24 10.70
C SER D 182 -22.31 40.06 12.20
N GLU D 183 -22.47 38.83 12.71
CA GLU D 183 -22.29 38.58 14.16
C GLU D 183 -20.80 38.48 14.53
N TRP D 184 -19.94 38.03 13.61
CA TRP D 184 -18.55 37.61 13.93
C TRP D 184 -17.83 38.70 14.73
N PRO D 185 -17.85 39.99 14.30
CA PRO D 185 -17.14 41.05 15.03
C PRO D 185 -17.66 41.23 16.46
N ASN D 186 -18.98 41.13 16.65
CA ASN D 186 -19.65 41.23 17.99
C ASN D 186 -19.24 40.01 18.83
N SER D 187 -19.28 38.81 18.28
CA SER D 187 -18.81 37.61 19.01
C SER D 187 -17.33 37.78 19.39
N MET D 188 -16.50 38.28 18.47
CA MET D 188 -15.04 38.45 18.72
C MET D 188 -14.83 39.46 19.84
N GLN D 189 -15.61 40.55 19.85
CA GLN D 189 -15.49 41.59 20.91
C GLN D 189 -15.66 40.93 22.28
N LYS D 190 -16.61 40.01 22.43
CA LYS D 190 -16.87 39.30 23.72
C LYS D 190 -15.63 38.53 24.18
N VAL D 191 -14.93 37.88 23.24
CA VAL D 191 -13.64 37.17 23.53
C VAL D 191 -12.55 38.20 23.85
N ILE D 192 -12.43 39.28 23.08
CA ILE D 192 -11.42 40.37 23.34
C ILE D 192 -11.61 40.89 24.78
N ASN D 193 -12.84 41.19 25.19
CA ASN D 193 -13.17 41.67 26.56
C ASN D 193 -12.87 40.59 27.60
N ARG D 194 -13.20 39.34 27.29
CA ARG D 194 -13.16 38.24 28.28
C ARG D 194 -11.71 37.83 28.58
N TYR D 195 -10.77 37.91 27.63
CA TYR D 195 -9.39 37.36 27.80
C TYR D 195 -8.34 38.39 27.44
N PRO D 196 -8.27 39.52 28.19
CA PRO D 196 -7.31 40.57 27.86
C PRO D 196 -5.88 40.14 28.24
N ASP D 197 -5.79 39.14 29.13
CA ASP D 197 -4.53 38.60 29.71
C ASP D 197 -4.02 37.39 28.89
N ALA D 198 -4.64 37.10 27.75
CA ALA D 198 -4.20 35.96 26.90
C ALA D 198 -2.75 36.16 26.48
N LYS D 199 -1.90 35.17 26.75
CA LYS D 199 -0.46 35.19 26.39
C LYS D 199 -0.27 34.56 25.01
N LEU D 200 -1.19 33.70 24.60
CA LEU D 200 -1.10 32.98 23.31
C LEU D 200 -2.50 32.68 22.79
N VAL D 201 -2.70 32.93 21.52
CA VAL D 201 -3.98 32.65 20.79
C VAL D 201 -3.62 31.64 19.70
N VAL D 202 -4.28 30.49 19.73
CA VAL D 202 -4.07 29.42 18.73
C VAL D 202 -5.26 29.43 17.77
N PRO D 203 -5.02 29.76 16.48
CA PRO D 203 -6.06 29.71 15.46
C PRO D 203 -6.21 28.28 14.97
N GLY D 204 -7.32 27.96 14.30
CA GLY D 204 -7.61 26.59 13.81
C GLY D 204 -6.64 26.22 12.69
N HIS D 205 -6.08 27.22 12.02
CA HIS D 205 -5.13 27.09 10.88
C HIS D 205 -4.13 28.26 10.96
N GLY D 206 -2.83 27.98 10.78
CA GLY D 206 -1.78 29.00 10.63
C GLY D 206 -1.01 29.25 11.91
N GLU D 207 -0.20 30.30 11.91
CA GLU D 207 0.76 30.60 13.02
C GLU D 207 -0.01 31.00 14.29
N VAL D 208 0.42 30.49 15.45
CA VAL D 208 -0.02 31.02 16.78
C VAL D 208 0.48 32.46 16.90
N GLY D 209 -0.10 33.20 17.84
CA GLY D 209 0.37 34.58 18.13
C GLY D 209 -0.29 35.13 19.37
N ASP D 210 -0.31 36.45 19.48
CA ASP D 210 -0.84 37.16 20.68
C ASP D 210 -2.29 37.57 20.40
N VAL D 211 -2.85 38.44 21.27
CA VAL D 211 -4.26 38.93 21.18
C VAL D 211 -4.52 39.66 19.85
N SER D 212 -3.48 40.07 19.10
CA SER D 212 -3.68 40.77 17.80
C SER D 212 -4.41 39.86 16.78
N LEU D 213 -4.36 38.52 16.93
CA LEU D 213 -5.12 37.64 16.01
C LEU D 213 -6.61 37.94 16.16
N LEU D 214 -7.08 38.27 17.38
CA LEU D 214 -8.51 38.51 17.66
C LEU D 214 -8.94 39.79 16.93
N LYS D 215 -8.17 40.86 17.10
CA LYS D 215 -8.36 42.17 16.40
C LYS D 215 -8.31 41.96 14.89
N HIS D 216 -7.34 41.21 14.38
CA HIS D 216 -7.23 40.99 12.91
C HIS D 216 -8.48 40.30 12.39
N THR D 217 -8.97 39.25 13.08
CA THR D 217 -10.19 38.53 12.63
C THR D 217 -11.38 39.48 12.60
N GLN D 218 -11.51 40.32 13.63
CA GLN D 218 -12.60 41.31 13.74
C GLN D 218 -12.51 42.26 12.54
N ALA D 219 -11.30 42.71 12.21
CA ALA D 219 -11.05 43.61 11.04
C ALA D 219 -11.49 42.93 9.76
N LEU D 220 -11.03 41.68 9.50
CA LEU D 220 -11.44 40.90 8.30
C LEU D 220 -12.97 40.79 8.23
N ALA D 221 -13.64 40.51 9.35
CA ALA D 221 -15.12 40.31 9.37
C ALA D 221 -15.84 41.63 9.02
N LEU D 222 -15.36 42.75 9.60
CA LEU D 222 -15.95 44.10 9.36
C LEU D 222 -15.84 44.45 7.86
N SER D 223 -14.68 44.19 7.25
CA SER D 223 -14.42 44.40 5.79
C SER D 223 -15.37 43.54 4.94
N ALA D 224 -15.64 42.29 5.31
CA ALA D 224 -16.54 41.37 4.58
C ALA D 224 -18.02 41.79 4.66
N ALA D 225 -18.41 42.65 5.62
CA ALA D 225 -19.81 43.13 5.78
C ALA D 225 -20.16 44.00 4.57
N ALA D 226 -21.46 44.13 4.27
CA ALA D 226 -21.97 44.99 3.18
C ALA D 226 -21.98 46.45 3.65
#